data_7ZVJ
#
_entry.id   7ZVJ
#
_cell.length_a   196.531
_cell.length_b   107.377
_cell.length_c   100.334
_cell.angle_alpha   90.000
_cell.angle_beta   120.260
_cell.angle_gamma   90.000
#
_symmetry.space_group_name_H-M   'C 1 2 1'
#
loop_
_entity.id
_entity.type
_entity.pdbx_description
1 polymer 'Xylosyl- and glucuronyltransferase LARGE1'
2 non-polymer 2-acetamido-2-deoxy-beta-D-glucopyranose
3 non-polymer 'PHOSPHATE ION'
4 non-polymer 'MANGANESE (II) ION'
5 water water
#
_entity_poly.entity_id   1
_entity_poly.type   'polypeptide(L)'
_entity_poly.pdbx_seq_one_letter_code
;KCETIHVAIVCAGYNASRDVVTLVKSVLFHRRNPLHFHLIADSIAEQILATLFQTWMVPAVRVDFYNADELKSEVSWIPN
KHYSGIYGLMKLVLTKTLPANLERVIVLDTDITFATDIAELWAVFHKFKGQQVLGLVENQSDWYLGNLWKNHRPWPALGR
GYNTGVILLLLDKLRKMKWEQMWRLTAERELMGMLSTSLADQDIFNAVIKQNPFLVYQLPCFWNVQLSDHTRSEQCYRDV
SDLKVIHWNSPKKLRVKNKHVEFFRNLYLTFLEYDGNLLRRELFGCPSEADVNSENLQKQLSELDEDDLCYEFRRERFTV
HRTHLYFLHYEYEPAADSTDVTLVAQLSMDRLQMLEAICKHWEGPISLALYLSDAEAQQFLRYAQGSEVLMSRHNVGYHI
VYKEGQFYPVNLLRNVAMKHISTPYMFLSDIDFLPMYGLYEYLRKSVIQLDLANTKKAMIVPAFETLRYRLSFPKSKAEL
LSMLDMGTLFTFRYHVWTKGHAPTNFAKWRTATTPYRVEWEADFEPYVVVRRDCPEYDRRFVGFGWNKVAHIMELDVQEY
EFIVLPNAYMIHMPHAPSFDITKFRSNKQYRICLKTLKEEFQQDMSRRYGFAALKYLTA
;
_entity_poly.pdbx_strand_id   A,B
#
# COMPACT_ATOMS: atom_id res chain seq x y z
N LYS A 1 -32.08 14.25 -12.57
CA LYS A 1 -32.83 13.02 -12.33
C LYS A 1 -31.86 11.82 -12.29
N CYS A 2 -32.35 10.65 -12.72
CA CYS A 2 -31.52 9.54 -13.15
C CYS A 2 -31.08 9.70 -14.60
N GLU A 3 -31.03 10.95 -15.05
CA GLU A 3 -30.59 11.27 -16.40
C GLU A 3 -29.14 10.84 -16.59
N THR A 4 -28.83 10.38 -17.80
CA THR A 4 -27.50 9.88 -18.12
C THR A 4 -26.60 11.03 -18.56
N ILE A 5 -25.39 11.10 -18.01
CA ILE A 5 -24.41 12.12 -18.36
C ILE A 5 -23.39 11.52 -19.33
N HIS A 6 -23.16 12.23 -20.46
CA HIS A 6 -22.35 11.75 -21.58
C HIS A 6 -20.99 12.45 -21.59
N VAL A 7 -19.93 11.66 -21.54
CA VAL A 7 -18.58 12.20 -21.46
C VAL A 7 -17.77 11.59 -22.58
N ALA A 8 -17.17 12.44 -23.41
CA ALA A 8 -16.35 12.04 -24.53
C ALA A 8 -14.89 12.39 -24.23
N ILE A 9 -14.00 11.43 -24.46
CA ILE A 9 -12.58 11.55 -24.17
C ILE A 9 -11.82 11.02 -25.37
N VAL A 10 -10.78 11.72 -25.78
CA VAL A 10 -9.89 11.24 -26.84
C VAL A 10 -8.63 10.74 -26.17
N CYS A 11 -8.28 9.48 -26.42
CA CYS A 11 -7.15 8.86 -25.73
C CYS A 11 -6.38 7.94 -26.66
N ALA A 12 -5.08 8.18 -26.78
CA ALA A 12 -4.20 7.37 -27.60
C ALA A 12 -2.96 7.04 -26.79
N GLY A 13 -2.59 5.78 -26.75
CA GLY A 13 -1.34 5.38 -26.13
C GLY A 13 -1.51 4.90 -24.71
N TYR A 14 -0.36 4.55 -24.12
CA TYR A 14 -0.36 3.91 -22.81
C TYR A 14 -0.45 4.93 -21.68
N ASN A 15 0.36 5.99 -21.77
CA ASN A 15 0.28 7.06 -20.78
C ASN A 15 -1.15 7.60 -20.66
N ALA A 16 -1.78 7.85 -21.81
CA ALA A 16 -3.14 8.33 -21.81
C ALA A 16 -4.09 7.34 -21.14
N SER A 17 -3.85 6.03 -21.33
CA SER A 17 -4.75 5.04 -20.75
C SER A 17 -4.70 5.05 -19.22
N ARG A 18 -3.48 5.05 -18.64
CA ARG A 18 -3.42 5.23 -17.18
C ARG A 18 -4.15 6.49 -16.75
N ASP A 19 -3.85 7.61 -17.42
CA ASP A 19 -4.41 8.88 -16.97
C ASP A 19 -5.93 8.86 -17.03
N VAL A 20 -6.50 8.23 -18.05
CA VAL A 20 -7.95 8.19 -18.18
C VAL A 20 -8.56 7.35 -17.07
N VAL A 21 -7.86 6.28 -16.67
CA VAL A 21 -8.37 5.53 -15.52
C VAL A 21 -8.43 6.45 -14.29
N THR A 22 -7.44 7.33 -14.13
CA THR A 22 -7.49 8.22 -12.99
C THR A 22 -8.67 9.19 -13.11
N LEU A 23 -8.85 9.76 -14.30
CA LEU A 23 -9.98 10.65 -14.54
C LEU A 23 -11.29 9.96 -14.14
N VAL A 24 -11.46 8.71 -14.59
CA VAL A 24 -12.71 8.00 -14.39
C VAL A 24 -12.92 7.69 -12.91
N LYS A 25 -11.84 7.34 -12.19
CA LYS A 25 -11.96 7.17 -10.74
C LYS A 25 -12.52 8.43 -10.09
N SER A 26 -11.96 9.59 -10.47
CA SER A 26 -12.40 10.82 -9.82
C SER A 26 -13.86 11.15 -10.16
N VAL A 27 -14.30 10.85 -11.38
CA VAL A 27 -15.72 11.06 -11.71
C VAL A 27 -16.60 10.12 -10.90
N LEU A 28 -16.23 8.84 -10.83
CA LEU A 28 -17.07 7.85 -10.15
C LEU A 28 -17.19 8.13 -8.67
N PHE A 29 -16.15 8.69 -8.04
CA PHE A 29 -16.26 8.89 -6.60
C PHE A 29 -17.37 9.88 -6.26
N HIS A 30 -17.57 10.88 -7.11
CA HIS A 30 -18.57 11.90 -6.84
C HIS A 30 -19.87 11.73 -7.61
N ARG A 31 -19.93 10.82 -8.60
CA ARG A 31 -21.09 10.73 -9.47
C ARG A 31 -22.31 10.25 -8.69
N ARG A 32 -23.49 10.72 -9.13
CA ARG A 32 -24.77 10.32 -8.56
C ARG A 32 -25.78 10.01 -9.66
N ASN A 33 -25.34 10.00 -10.92
CA ASN A 33 -26.18 9.76 -12.09
C ASN A 33 -25.51 8.69 -12.95
N PRO A 34 -26.28 8.00 -13.78
CA PRO A 34 -25.66 7.06 -14.71
C PRO A 34 -24.74 7.80 -15.68
N LEU A 35 -23.76 7.07 -16.21
CA LEU A 35 -22.70 7.64 -17.03
C LEU A 35 -22.54 6.86 -18.33
N HIS A 36 -22.24 7.59 -19.40
CA HIS A 36 -22.01 6.99 -20.71
C HIS A 36 -20.76 7.63 -21.32
N PHE A 37 -19.69 6.85 -21.44
CA PHE A 37 -18.40 7.31 -21.95
C PHE A 37 -18.26 7.00 -23.43
N HIS A 38 -17.80 7.98 -24.19
CA HIS A 38 -17.51 7.86 -25.61
C HIS A 38 -15.99 8.03 -25.71
N LEU A 39 -15.27 6.92 -25.87
CA LEU A 39 -13.83 6.91 -25.90
C LEU A 39 -13.40 6.84 -27.35
N ILE A 40 -12.77 7.90 -27.84
CA ILE A 40 -12.19 7.92 -29.17
C ILE A 40 -10.73 7.53 -29.02
N ALA A 41 -10.39 6.32 -29.45
CA ALA A 41 -9.14 5.70 -29.04
C ALA A 41 -8.35 5.13 -30.21
N ASP A 42 -7.02 5.24 -30.14
CA ASP A 42 -6.20 4.45 -31.05
C ASP A 42 -6.27 2.99 -30.62
N SER A 43 -5.64 2.13 -31.40
CA SER A 43 -5.75 0.68 -31.18
C SER A 43 -5.22 0.29 -29.81
N ILE A 44 -4.10 0.87 -29.40
CA ILE A 44 -3.53 0.57 -28.09
C ILE A 44 -4.53 0.87 -26.98
N ALA A 45 -5.04 2.10 -26.97
CA ALA A 45 -6.01 2.50 -25.97
C ALA A 45 -7.26 1.64 -26.05
N GLU A 46 -7.70 1.28 -27.27
CA GLU A 46 -8.91 0.47 -27.38
C GLU A 46 -8.72 -0.88 -26.72
N GLN A 47 -7.59 -1.55 -26.98
CA GLN A 47 -7.33 -2.83 -26.32
C GLN A 47 -7.30 -2.66 -24.80
N ILE A 48 -6.47 -1.74 -24.33
CA ILE A 48 -6.27 -1.55 -22.89
C ILE A 48 -7.59 -1.23 -22.21
N LEU A 49 -8.24 -0.15 -22.64
CA LEU A 49 -9.43 0.34 -21.96
C LEU A 49 -10.60 -0.60 -22.13
N ALA A 50 -10.69 -1.33 -23.26
CA ALA A 50 -11.76 -2.29 -23.41
C ALA A 50 -11.67 -3.35 -22.33
N THR A 51 -10.48 -3.97 -22.18
CA THR A 51 -10.35 -4.95 -21.10
C THR A 51 -10.60 -4.31 -19.74
N LEU A 52 -10.05 -3.13 -19.50
CA LEU A 52 -10.21 -2.55 -18.17
C LEU A 52 -11.68 -2.37 -17.82
N PHE A 53 -12.48 -1.80 -18.73
CA PHE A 53 -13.87 -1.57 -18.36
C PHE A 53 -14.67 -2.85 -18.35
N GLN A 54 -14.31 -3.83 -19.18
CA GLN A 54 -14.98 -5.12 -19.12
C GLN A 54 -14.81 -5.74 -17.75
N THR A 55 -13.57 -5.80 -17.25
CA THR A 55 -13.30 -6.41 -15.95
C THR A 55 -13.70 -5.52 -14.77
N TRP A 56 -13.77 -4.20 -14.95
CA TRP A 56 -14.13 -3.35 -13.80
C TRP A 56 -15.57 -3.59 -13.40
N MET A 57 -16.46 -3.75 -14.37
CA MET A 57 -17.87 -4.01 -14.12
C MET A 57 -18.53 -2.90 -13.31
N VAL A 58 -18.22 -1.64 -13.64
CA VAL A 58 -18.83 -0.57 -12.83
C VAL A 58 -20.32 -0.48 -13.15
N PRO A 59 -21.19 -0.56 -12.14
CA PRO A 59 -22.63 -0.41 -12.38
C PRO A 59 -22.95 0.95 -12.98
N ALA A 60 -24.04 0.98 -13.77
CA ALA A 60 -24.61 2.21 -14.32
C ALA A 60 -23.61 3.00 -15.15
N VAL A 61 -22.69 2.30 -15.81
CA VAL A 61 -21.68 2.92 -16.67
C VAL A 61 -21.67 2.19 -18.01
N ARG A 62 -21.97 2.91 -19.09
CA ARG A 62 -21.83 2.40 -20.45
C ARG A 62 -20.58 2.98 -21.12
N VAL A 63 -19.95 2.19 -21.97
CA VAL A 63 -18.73 2.59 -22.65
C VAL A 63 -18.83 2.24 -24.13
N ASP A 64 -18.72 3.24 -25.00
CA ASP A 64 -18.64 3.06 -26.45
C ASP A 64 -17.25 3.47 -26.93
N PHE A 65 -16.73 2.72 -27.90
CA PHE A 65 -15.41 2.99 -28.48
C PHE A 65 -15.54 3.47 -29.91
N TYR A 66 -14.71 4.44 -30.29
CA TYR A 66 -14.73 4.92 -31.67
C TYR A 66 -13.30 4.87 -32.17
N ASN A 67 -13.09 4.21 -33.32
CA ASN A 67 -11.74 3.97 -33.77
C ASN A 67 -11.10 5.28 -34.23
N ALA A 68 -10.12 5.75 -33.47
CA ALA A 68 -9.50 7.04 -33.77
C ALA A 68 -8.62 6.96 -34.99
N ASP A 69 -8.03 5.79 -35.26
CA ASP A 69 -7.13 5.67 -36.40
C ASP A 69 -7.88 5.94 -37.69
N GLU A 70 -9.08 5.38 -37.83
CA GLU A 70 -9.95 5.64 -38.97
C GLU A 70 -10.41 7.09 -39.05
N LEU A 71 -10.04 7.93 -38.10
CA LEU A 71 -10.36 9.36 -38.16
C LEU A 71 -9.17 10.23 -38.53
N LYS A 72 -7.96 9.68 -38.65
CA LYS A 72 -6.79 10.54 -38.87
C LYS A 72 -6.92 11.38 -40.14
N SER A 73 -7.49 10.81 -41.21
CA SER A 73 -7.63 11.54 -42.47
C SER A 73 -8.54 12.76 -42.35
N GLU A 74 -9.26 12.91 -41.24
CA GLU A 74 -10.11 14.09 -41.08
C GLU A 74 -9.30 15.32 -40.72
N VAL A 75 -8.11 15.14 -40.14
CA VAL A 75 -7.34 16.24 -39.58
C VAL A 75 -5.87 16.20 -39.97
N SER A 76 -5.42 15.18 -40.69
CA SER A 76 -3.99 15.05 -40.96
C SER A 76 -3.48 16.15 -41.87
N TRP A 77 -4.37 16.86 -42.56
CA TRP A 77 -3.98 17.99 -43.38
C TRP A 77 -3.50 19.18 -42.55
N ILE A 78 -3.82 19.20 -41.27
CA ILE A 78 -3.39 20.28 -40.38
C ILE A 78 -2.06 19.86 -39.77
N PRO A 79 -0.95 20.49 -40.16
CA PRO A 79 0.35 20.08 -39.63
C PRO A 79 0.55 20.54 -38.20
N ASN A 80 1.22 19.72 -37.42
CA ASN A 80 1.50 20.00 -36.02
C ASN A 80 2.98 19.74 -35.77
N LYS A 81 3.56 20.46 -34.81
CA LYS A 81 4.92 20.11 -34.47
C LYS A 81 4.97 18.74 -33.78
N HIS A 82 3.90 18.31 -33.05
CA HIS A 82 3.89 16.97 -32.46
C HIS A 82 2.88 16.11 -33.20
N TYR A 83 3.33 14.92 -33.61
CA TYR A 83 2.41 13.98 -34.25
C TYR A 83 1.25 13.68 -33.33
N SER A 84 1.52 13.53 -32.01
CA SER A 84 0.47 13.30 -31.02
C SER A 84 -0.66 14.34 -31.10
N GLY A 85 -0.34 15.54 -31.58
CA GLY A 85 -1.34 16.58 -31.72
C GLY A 85 -2.53 16.15 -32.55
N ILE A 86 -2.30 15.21 -33.48
CA ILE A 86 -3.37 14.76 -34.36
C ILE A 86 -4.56 14.29 -33.55
N TYR A 87 -4.31 13.58 -32.44
CA TYR A 87 -5.41 13.09 -31.65
C TYR A 87 -6.18 14.23 -31.01
N GLY A 88 -5.46 15.26 -30.55
CA GLY A 88 -6.13 16.48 -30.11
C GLY A 88 -7.05 17.04 -31.16
N LEU A 89 -6.57 17.14 -32.41
CA LEU A 89 -7.39 17.73 -33.47
C LEU A 89 -8.74 17.03 -33.60
N MET A 90 -8.81 15.77 -33.16
CA MET A 90 -10.02 15.00 -33.39
C MET A 90 -11.22 15.53 -32.61
N LYS A 91 -10.98 16.35 -31.57
CA LYS A 91 -12.13 16.96 -30.90
C LYS A 91 -12.98 17.73 -31.90
N LEU A 92 -12.31 18.35 -32.88
CA LEU A 92 -13.01 19.18 -33.85
C LEU A 92 -14.09 18.40 -34.60
N VAL A 93 -13.97 17.08 -34.70
CA VAL A 93 -14.87 16.31 -35.54
C VAL A 93 -15.88 15.51 -34.73
N LEU A 94 -16.04 15.82 -33.43
CA LEU A 94 -16.98 15.02 -32.64
C LEU A 94 -18.40 15.08 -33.20
N THR A 95 -18.85 16.25 -33.66
CA THR A 95 -20.22 16.35 -34.18
C THR A 95 -20.47 15.32 -35.26
N LYS A 96 -19.42 14.90 -35.98
CA LYS A 96 -19.57 13.89 -37.00
C LYS A 96 -19.52 12.48 -36.40
N THR A 97 -18.58 12.24 -35.48
CA THR A 97 -18.28 10.87 -35.04
C THR A 97 -19.22 10.38 -33.95
N LEU A 98 -19.70 11.27 -33.09
CA LEU A 98 -20.65 10.86 -32.07
C LEU A 98 -22.01 10.55 -32.70
N PRO A 99 -22.81 9.72 -32.04
CA PRO A 99 -24.09 9.30 -32.62
C PRO A 99 -25.03 10.46 -32.86
N ALA A 100 -25.91 10.28 -33.85
CA ALA A 100 -26.81 11.34 -34.27
C ALA A 100 -27.81 11.69 -33.18
N ASN A 101 -28.28 10.68 -32.43
CA ASN A 101 -29.25 10.94 -31.36
C ASN A 101 -28.66 11.74 -30.22
N LEU A 102 -27.34 11.93 -30.18
CA LEU A 102 -26.69 12.53 -29.01
C LEU A 102 -26.75 14.05 -29.10
N GLU A 103 -27.48 14.66 -28.16
CA GLU A 103 -27.73 16.09 -28.21
C GLU A 103 -26.58 16.89 -27.60
N ARG A 104 -26.06 16.47 -26.45
CA ARG A 104 -25.04 17.22 -25.72
C ARG A 104 -24.01 16.29 -25.09
N VAL A 105 -22.76 16.76 -24.99
CA VAL A 105 -21.70 16.02 -24.29
C VAL A 105 -20.75 16.96 -23.56
N ILE A 106 -20.05 16.40 -22.59
CA ILE A 106 -18.90 17.01 -21.95
C ILE A 106 -17.66 16.34 -22.50
N VAL A 107 -16.74 17.12 -23.07
CA VAL A 107 -15.47 16.61 -23.58
C VAL A 107 -14.41 16.88 -22.53
N LEU A 108 -13.60 15.86 -22.24
CA LEU A 108 -12.54 15.98 -21.26
C LEU A 108 -11.23 15.46 -21.83
N ASP A 109 -10.13 16.06 -21.40
CA ASP A 109 -8.80 15.54 -21.70
C ASP A 109 -8.42 14.49 -20.67
N THR A 110 -7.38 13.72 -20.97
CA THR A 110 -7.00 12.61 -20.11
C THR A 110 -6.42 13.08 -18.78
N ASP A 111 -5.81 14.28 -18.75
CA ASP A 111 -5.16 14.80 -17.56
C ASP A 111 -6.07 15.65 -16.66
N ILE A 112 -7.38 15.41 -16.72
CA ILE A 112 -8.38 16.09 -15.89
C ILE A 112 -8.76 15.23 -14.68
N THR A 113 -8.93 15.87 -13.53
CA THR A 113 -9.40 15.24 -12.30
C THR A 113 -10.66 15.95 -11.82
N PHE A 114 -11.70 15.18 -11.46
CA PHE A 114 -12.86 15.82 -10.86
C PHE A 114 -12.77 15.89 -9.34
N ALA A 115 -13.29 16.99 -8.80
CA ALA A 115 -13.42 17.17 -7.37
C ALA A 115 -14.87 17.25 -6.91
N THR A 116 -15.84 17.24 -7.83
CA THR A 116 -17.26 17.27 -7.45
C THR A 116 -18.07 16.34 -8.34
N ASP A 117 -19.38 16.37 -8.07
CA ASP A 117 -20.36 15.67 -8.88
C ASP A 117 -20.37 16.27 -10.28
N ILE A 118 -20.29 15.42 -11.30
CA ILE A 118 -20.23 15.91 -12.67
C ILE A 118 -21.58 16.46 -13.12
N ALA A 119 -22.65 16.13 -12.41
CA ALA A 119 -23.97 16.64 -12.77
C ALA A 119 -24.04 18.15 -12.63
N GLU A 120 -23.19 18.77 -11.81
CA GLU A 120 -23.18 20.23 -11.72
C GLU A 120 -22.73 20.85 -13.04
N LEU A 121 -21.58 20.40 -13.55
CA LEU A 121 -21.14 20.85 -14.86
C LEU A 121 -22.15 20.52 -15.93
N TRP A 122 -22.72 19.31 -15.88
CA TRP A 122 -23.74 18.93 -16.84
C TRP A 122 -24.93 19.88 -16.80
N ALA A 123 -25.31 20.34 -15.61
CA ALA A 123 -26.43 21.27 -15.50
C ALA A 123 -26.08 22.62 -16.07
N VAL A 124 -24.79 22.98 -16.08
CA VAL A 124 -24.40 24.28 -16.63
C VAL A 124 -24.91 24.47 -18.07
N PHE A 125 -25.16 23.37 -18.80
CA PHE A 125 -25.75 23.48 -20.13
C PHE A 125 -27.05 24.30 -20.16
N HIS A 126 -27.81 24.27 -19.08
CA HIS A 126 -29.07 24.98 -19.09
C HIS A 126 -28.89 26.48 -19.12
N LYS A 127 -27.72 26.98 -18.69
CA LYS A 127 -27.51 28.41 -18.78
C LYS A 127 -27.10 28.88 -20.18
N PHE A 128 -26.91 27.96 -21.14
CA PHE A 128 -26.57 28.43 -22.48
C PHE A 128 -27.75 29.20 -23.09
N LYS A 129 -27.42 30.10 -24.01
CA LYS A 129 -28.36 31.08 -24.52
C LYS A 129 -28.16 31.27 -26.02
N GLY A 130 -29.27 31.35 -26.75
CA GLY A 130 -29.20 31.75 -28.15
C GLY A 130 -28.26 30.88 -28.95
N GLN A 131 -27.35 31.54 -29.68
CA GLN A 131 -26.45 30.90 -30.63
C GLN A 131 -25.21 30.28 -29.97
N GLN A 132 -25.12 30.31 -28.64
CA GLN A 132 -24.04 29.66 -27.89
C GLN A 132 -24.14 28.14 -27.98
N VAL A 133 -23.01 27.48 -28.26
CA VAL A 133 -22.98 26.03 -28.41
C VAL A 133 -21.71 25.42 -27.81
N LEU A 134 -20.71 26.26 -27.53
CA LEU A 134 -19.41 25.84 -27.02
C LEU A 134 -19.21 26.39 -25.62
N GLY A 135 -18.89 25.52 -24.67
CA GLY A 135 -18.60 25.98 -23.32
C GLY A 135 -17.16 25.74 -22.91
N LEU A 136 -16.41 26.81 -22.61
CA LEU A 136 -14.99 26.68 -22.31
C LEU A 136 -14.56 27.63 -21.19
N VAL A 137 -13.47 27.25 -20.50
CA VAL A 137 -12.86 28.07 -19.47
C VAL A 137 -11.68 28.84 -20.07
N GLU A 138 -11.53 30.10 -19.69
CA GLU A 138 -10.42 30.91 -20.18
C GLU A 138 -9.08 30.23 -19.95
N ASN A 139 -8.16 30.46 -20.89
CA ASN A 139 -6.80 29.92 -20.84
C ASN A 139 -5.98 30.70 -19.82
N GLN A 140 -5.59 30.05 -18.72
CA GLN A 140 -4.93 30.73 -17.61
C GLN A 140 -3.46 31.04 -17.86
N SER A 141 -2.83 30.47 -18.88
CA SER A 141 -1.49 30.90 -19.26
C SER A 141 -1.57 32.13 -20.15
N ASP A 142 -0.46 32.84 -20.25
CA ASP A 142 -0.41 34.02 -21.10
C ASP A 142 0.07 33.69 -22.52
N TRP A 143 -0.15 32.45 -22.97
CA TRP A 143 0.41 32.02 -24.26
C TRP A 143 -0.09 32.87 -25.41
N TYR A 144 -1.40 33.12 -25.47
CA TYR A 144 -1.97 33.89 -26.56
C TYR A 144 -1.81 35.40 -26.39
N LEU A 145 -1.31 35.87 -25.25
CA LEU A 145 -1.15 37.30 -25.03
C LEU A 145 0.24 37.80 -25.36
N GLY A 146 1.16 36.94 -25.78
CA GLY A 146 2.48 37.47 -26.06
C GLY A 146 3.42 36.43 -26.61
N ASN A 147 4.64 36.87 -26.84
CA ASN A 147 5.71 36.01 -27.31
C ASN A 147 6.28 35.24 -26.12
N LEU A 148 6.19 33.91 -26.17
CA LEU A 148 6.72 33.07 -25.10
C LEU A 148 7.85 32.17 -25.62
N PRO A 154 2.34 32.46 -31.85
CA PRO A 154 1.00 32.54 -31.24
C PRO A 154 -0.12 32.74 -32.28
N TRP A 155 -1.08 31.81 -32.26
CA TRP A 155 -2.24 31.81 -33.13
C TRP A 155 -3.25 32.88 -32.70
N PRO A 156 -4.10 33.34 -33.63
CA PRO A 156 -5.09 34.34 -33.25
C PRO A 156 -6.03 33.78 -32.19
N ALA A 157 -6.42 34.65 -31.26
CA ALA A 157 -7.38 34.26 -30.23
C ALA A 157 -8.06 35.49 -29.68
N LEU A 158 -9.17 35.26 -29.00
CA LEU A 158 -9.94 36.32 -28.34
C LEU A 158 -9.42 36.50 -26.92
N GLY A 159 -8.65 37.57 -26.69
CA GLY A 159 -8.18 37.85 -25.35
C GLY A 159 -7.20 36.83 -24.82
N ARG A 160 -7.55 36.22 -23.67
CA ARG A 160 -6.74 35.13 -23.14
C ARG A 160 -6.73 33.93 -24.05
N GLY A 161 -7.81 33.74 -24.79
CA GLY A 161 -8.05 32.48 -25.47
C GLY A 161 -8.76 31.58 -24.48
N TYR A 162 -8.95 30.31 -24.85
CA TYR A 162 -9.61 29.42 -23.91
C TYR A 162 -8.87 28.09 -23.85
N ASN A 163 -9.00 27.42 -22.71
CA ASN A 163 -8.45 26.09 -22.53
C ASN A 163 -9.42 25.07 -23.10
N THR A 164 -8.88 24.09 -23.84
CA THR A 164 -9.71 23.06 -24.45
C THR A 164 -9.64 21.72 -23.71
N GLY A 165 -9.11 21.71 -22.48
CA GLY A 165 -9.13 20.49 -21.69
C GLY A 165 -10.53 20.08 -21.26
N VAL A 166 -11.43 21.04 -21.13
CA VAL A 166 -12.79 20.80 -20.69
C VAL A 166 -13.71 21.62 -21.61
N ILE A 167 -14.56 20.95 -22.36
CA ILE A 167 -15.43 21.58 -23.34
C ILE A 167 -16.86 21.06 -23.16
N LEU A 168 -17.84 21.93 -23.33
CA LEU A 168 -19.24 21.52 -23.33
C LEU A 168 -19.81 21.74 -24.73
N LEU A 169 -20.33 20.69 -25.34
CA LEU A 169 -20.80 20.77 -26.71
C LEU A 169 -22.31 20.51 -26.75
N LEU A 170 -23.04 21.48 -27.30
CA LEU A 170 -24.43 21.27 -27.74
C LEU A 170 -24.36 20.73 -29.15
N LEU A 171 -24.38 19.39 -29.28
CA LEU A 171 -24.17 18.76 -30.57
C LEU A 171 -25.29 19.04 -31.57
N ASP A 172 -26.55 19.13 -31.13
CA ASP A 172 -27.62 19.37 -32.09
C ASP A 172 -27.43 20.71 -32.80
N LYS A 173 -27.31 21.78 -32.02
CA LYS A 173 -27.14 23.10 -32.60
C LYS A 173 -25.85 23.18 -33.41
N LEU A 174 -24.77 22.56 -32.92
CA LEU A 174 -23.53 22.53 -33.70
C LEU A 174 -23.73 21.85 -35.05
N ARG A 175 -24.52 20.79 -35.10
CA ARG A 175 -24.80 20.16 -36.38
C ARG A 175 -25.67 21.04 -37.27
N LYS A 176 -26.68 21.70 -36.68
CA LYS A 176 -27.52 22.60 -37.47
C LYS A 176 -26.73 23.78 -38.02
N MET A 177 -25.74 24.28 -37.27
CA MET A 177 -24.93 25.42 -37.67
C MET A 177 -23.90 25.09 -38.74
N LYS A 178 -23.80 23.84 -39.17
CA LYS A 178 -22.77 23.41 -40.10
C LYS A 178 -21.39 23.72 -39.54
N TRP A 179 -21.13 23.15 -38.36
CA TRP A 179 -19.89 23.38 -37.62
C TRP A 179 -18.65 22.86 -38.35
N GLU A 180 -18.79 21.78 -39.11
CA GLU A 180 -17.64 21.20 -39.82
C GLU A 180 -17.05 22.19 -40.82
N GLN A 181 -17.88 22.71 -41.73
CA GLN A 181 -17.39 23.70 -42.68
C GLN A 181 -16.84 24.92 -41.96
N MET A 182 -17.48 25.30 -40.85
CA MET A 182 -17.08 26.50 -40.12
C MET A 182 -15.64 26.40 -39.63
N TRP A 183 -15.34 25.36 -38.84
CA TRP A 183 -13.98 25.29 -38.34
C TRP A 183 -12.99 24.97 -39.44
N ARG A 184 -13.39 24.22 -40.48
CA ARG A 184 -12.47 23.95 -41.57
C ARG A 184 -12.09 25.23 -42.31
N LEU A 185 -13.08 26.07 -42.60
CA LEU A 185 -12.80 27.33 -43.24
C LEU A 185 -11.82 28.15 -42.42
N THR A 186 -12.08 28.23 -41.10
CA THR A 186 -11.19 28.97 -40.21
C THR A 186 -9.78 28.38 -40.20
N ALA A 187 -9.68 27.05 -40.11
CA ALA A 187 -8.38 26.40 -40.08
C ALA A 187 -7.57 26.75 -41.33
N GLU A 188 -8.20 26.65 -42.49
CA GLU A 188 -7.48 26.95 -43.74
C GLU A 188 -7.08 28.42 -43.81
N ARG A 189 -8.02 29.32 -43.52
CA ARG A 189 -7.71 30.74 -43.58
C ARG A 189 -6.54 31.09 -42.67
N GLU A 190 -6.48 30.51 -41.47
CA GLU A 190 -5.36 30.84 -40.58
C GLU A 190 -4.09 30.12 -41.01
N LEU A 191 -4.25 28.94 -41.61
CA LEU A 191 -3.13 28.10 -41.96
C LEU A 191 -2.35 28.64 -43.14
N MET A 192 -2.98 29.45 -43.98
CA MET A 192 -2.24 30.10 -45.06
C MET A 192 -1.15 31.03 -44.52
N GLY A 193 -1.43 31.76 -43.43
CA GLY A 193 -0.46 32.64 -42.80
C GLY A 193 0.50 31.94 -41.85
N MET A 194 -0.03 31.39 -40.75
CA MET A 194 0.80 30.58 -39.85
C MET A 194 1.14 29.27 -40.56
N LEU A 195 2.40 28.87 -40.54
CA LEU A 195 2.75 27.68 -41.31
C LEU A 195 2.25 26.41 -40.62
N SER A 196 2.37 26.32 -39.30
CA SER A 196 1.92 25.15 -38.55
C SER A 196 1.25 25.59 -37.24
N THR A 197 0.50 24.67 -36.64
CA THR A 197 -0.09 24.90 -35.33
C THR A 197 0.92 24.49 -34.28
N SER A 198 1.06 25.31 -33.23
CA SER A 198 1.85 24.91 -32.08
C SER A 198 1.04 24.03 -31.12
N LEU A 199 -0.19 24.43 -30.79
CA LEU A 199 -0.99 23.75 -29.78
C LEU A 199 -2.20 23.02 -30.35
N ALA A 200 -2.23 22.79 -31.67
CA ALA A 200 -3.19 21.88 -32.33
C ALA A 200 -4.63 22.38 -32.11
N ASP A 201 -5.56 21.50 -31.67
CA ASP A 201 -6.99 21.81 -31.67
C ASP A 201 -7.30 23.13 -30.96
N GLN A 202 -6.70 23.35 -29.79
CA GLN A 202 -6.90 24.59 -29.04
C GLN A 202 -6.77 25.81 -29.95
N ASP A 203 -5.64 25.91 -30.68
CA ASP A 203 -5.48 26.98 -31.65
C ASP A 203 -6.72 27.14 -32.51
N ILE A 204 -7.08 26.07 -33.23
CA ILE A 204 -8.21 26.15 -34.16
C ILE A 204 -9.46 26.61 -33.44
N PHE A 205 -9.75 26.03 -32.27
CA PHE A 205 -10.92 26.48 -31.53
C PHE A 205 -10.85 27.98 -31.30
N ASN A 206 -9.72 28.45 -30.75
CA ASN A 206 -9.57 29.88 -30.51
C ASN A 206 -9.79 30.67 -31.77
N ALA A 207 -9.24 30.20 -32.89
CA ALA A 207 -9.40 30.92 -34.14
C ALA A 207 -10.88 31.09 -34.46
N VAL A 208 -11.64 29.99 -34.32
CA VAL A 208 -13.09 30.04 -34.53
C VAL A 208 -13.72 31.09 -33.61
N ILE A 209 -13.37 31.04 -32.32
CA ILE A 209 -13.97 32.01 -31.39
C ILE A 209 -13.51 33.42 -31.73
N LYS A 210 -12.31 33.58 -32.27
CA LYS A 210 -11.92 34.89 -32.77
C LYS A 210 -12.89 35.34 -33.85
N GLN A 211 -13.14 34.45 -34.82
CA GLN A 211 -14.01 34.74 -35.94
C GLN A 211 -15.49 34.72 -35.54
N ASN A 212 -15.83 33.98 -34.49
CA ASN A 212 -17.22 33.75 -34.09
C ASN A 212 -17.35 33.90 -32.57
N PRO A 213 -17.15 35.11 -32.04
CA PRO A 213 -17.15 35.26 -30.57
C PRO A 213 -18.48 34.98 -29.91
N PHE A 214 -19.54 34.83 -30.68
CA PHE A 214 -20.88 34.56 -30.16
C PHE A 214 -21.09 33.11 -29.77
N LEU A 215 -20.18 32.21 -30.14
CA LEU A 215 -20.40 30.78 -29.95
C LEU A 215 -20.12 30.31 -28.54
N VAL A 216 -19.37 31.06 -27.80
CA VAL A 216 -18.81 30.56 -26.55
C VAL A 216 -19.75 30.91 -25.40
N TYR A 217 -19.83 30.01 -24.42
CA TYR A 217 -20.24 30.38 -23.07
C TYR A 217 -19.08 30.08 -22.14
N GLN A 218 -18.55 31.15 -21.55
CA GLN A 218 -17.41 31.09 -20.66
C GLN A 218 -17.79 30.53 -19.31
N LEU A 219 -17.20 29.40 -19.00
CA LEU A 219 -17.36 28.74 -17.73
C LEU A 219 -16.44 29.42 -16.72
N PRO A 220 -16.81 29.42 -15.44
CA PRO A 220 -15.92 30.00 -14.42
C PRO A 220 -14.60 29.24 -14.36
N CYS A 221 -13.56 29.92 -13.86
CA CYS A 221 -12.20 29.37 -13.88
C CYS A 221 -12.15 28.01 -13.19
N PHE A 222 -13.05 27.77 -12.25
CA PHE A 222 -12.94 26.70 -11.27
C PHE A 222 -13.48 25.38 -11.80
N TRP A 223 -14.00 25.38 -13.03
CA TRP A 223 -14.31 24.16 -13.76
C TRP A 223 -13.14 23.64 -14.61
N ASN A 224 -12.00 24.33 -14.60
CA ASN A 224 -10.83 23.91 -15.38
C ASN A 224 -9.61 24.67 -14.89
N VAL A 225 -9.11 24.27 -13.71
CA VAL A 225 -8.02 24.96 -13.03
C VAL A 225 -6.71 24.45 -13.62
N GLN A 226 -6.09 25.25 -14.49
CA GLN A 226 -4.82 24.85 -15.09
C GLN A 226 -3.70 25.10 -14.09
N LEU A 227 -2.95 24.05 -13.77
CA LEU A 227 -2.06 24.11 -12.62
C LEU A 227 -0.66 24.64 -12.91
N SER A 228 -0.10 24.40 -14.08
CA SER A 228 1.28 24.84 -14.32
C SER A 228 1.46 26.35 -14.10
N GLN A 235 -4.26 32.96 -7.48
CA GLN A 235 -5.05 31.74 -7.58
C GLN A 235 -6.54 32.08 -7.77
N CYS A 236 -7.34 31.08 -8.14
CA CYS A 236 -8.80 31.24 -8.17
C CYS A 236 -9.35 31.29 -6.75
N VAL A 240 -10.36 26.79 -1.69
CA VAL A 240 -10.06 25.40 -2.02
C VAL A 240 -11.34 24.57 -2.12
N SER A 241 -12.37 24.99 -1.39
CA SER A 241 -13.67 24.32 -1.46
C SER A 241 -14.36 24.58 -2.80
N ASP A 242 -14.08 25.74 -3.42
CA ASP A 242 -14.79 26.13 -4.62
C ASP A 242 -14.26 25.43 -5.86
N LEU A 243 -13.04 24.90 -5.81
CA LEU A 243 -12.42 24.24 -6.97
C LEU A 243 -13.06 22.89 -7.24
N LYS A 244 -13.39 22.65 -8.50
CA LYS A 244 -14.23 21.53 -8.87
C LYS A 244 -13.61 20.62 -9.91
N VAL A 245 -12.80 21.13 -10.84
CA VAL A 245 -12.13 20.31 -11.84
C VAL A 245 -10.70 20.79 -11.98
N ILE A 246 -9.73 19.87 -11.91
CA ILE A 246 -8.32 20.18 -11.92
C ILE A 246 -7.70 19.73 -13.24
N HIS A 247 -6.79 20.54 -13.78
CA HIS A 247 -6.15 20.30 -15.07
C HIS A 247 -4.65 20.20 -14.82
N TRP A 248 -4.06 19.03 -15.06
CA TRP A 248 -2.66 18.81 -14.75
C TRP A 248 -1.78 19.17 -15.94
N ASN A 249 -0.52 19.47 -15.66
CA ASN A 249 0.37 19.93 -16.73
C ASN A 249 1.80 19.41 -16.61
N LYS A 259 4.83 24.57 -2.86
CA LYS A 259 4.35 25.18 -1.64
C LYS A 259 2.84 24.94 -1.50
N HIS A 260 2.08 25.65 -2.34
CA HIS A 260 0.66 25.42 -2.53
C HIS A 260 0.41 24.19 -3.40
N VAL A 261 1.46 23.61 -3.98
CA VAL A 261 1.34 22.44 -4.83
C VAL A 261 0.92 21.22 -4.02
N GLU A 262 1.39 21.12 -2.77
CA GLU A 262 1.25 19.88 -2.01
C GLU A 262 -0.20 19.50 -1.80
N PHE A 263 -1.09 20.48 -1.62
CA PHE A 263 -2.51 20.17 -1.47
C PHE A 263 -3.05 19.45 -2.71
N PHE A 264 -2.76 19.99 -3.89
CA PHE A 264 -3.32 19.44 -5.12
C PHE A 264 -2.68 18.11 -5.46
N ARG A 265 -1.37 18.01 -5.30
CA ARG A 265 -0.75 16.69 -5.51
C ARG A 265 -1.28 15.68 -4.51
N ASN A 266 -1.67 16.10 -3.29
CA ASN A 266 -2.29 15.11 -2.39
C ASN A 266 -3.68 14.69 -2.88
N LEU A 267 -4.47 15.60 -3.45
CA LEU A 267 -5.68 15.10 -4.11
C LEU A 267 -5.35 14.10 -5.20
N TYR A 268 -4.33 14.39 -6.01
CA TYR A 268 -3.99 13.47 -7.08
C TYR A 268 -3.55 12.12 -6.52
N LEU A 269 -2.77 12.15 -5.44
CA LEU A 269 -2.36 10.93 -4.75
C LEU A 269 -3.55 10.16 -4.19
N THR A 270 -4.52 10.88 -3.62
CA THR A 270 -5.69 10.23 -3.02
C THR A 270 -6.50 9.51 -4.09
N PHE A 271 -6.64 10.12 -5.26
CA PHE A 271 -7.34 9.37 -6.29
C PHE A 271 -6.48 8.27 -6.90
N LEU A 272 -5.17 8.48 -7.02
CA LEU A 272 -4.29 7.40 -7.49
C LEU A 272 -4.40 6.18 -6.59
N GLU A 273 -4.45 6.38 -5.27
CA GLU A 273 -4.36 5.27 -4.34
C GLU A 273 -5.71 4.64 -3.98
N TYR A 274 -6.82 5.14 -4.52
CA TYR A 274 -8.13 4.69 -4.08
C TYR A 274 -8.48 3.33 -4.67
N ASP A 275 -9.05 2.44 -3.84
CA ASP A 275 -9.35 1.08 -4.26
C ASP A 275 -10.45 1.11 -5.33
N GLY A 276 -10.05 0.88 -6.59
CA GLY A 276 -11.00 0.98 -7.68
C GLY A 276 -12.21 0.08 -7.51
N ASN A 277 -12.00 -1.08 -6.90
CA ASN A 277 -13.08 -2.05 -6.71
C ASN A 277 -14.22 -1.48 -5.86
N LEU A 278 -13.93 -0.56 -4.95
CA LEU A 278 -14.99 0.10 -4.18
C LEU A 278 -15.94 0.87 -5.08
N LEU A 279 -15.48 1.28 -6.27
CA LEU A 279 -16.37 2.01 -7.16
C LEU A 279 -17.35 1.08 -7.87
N ARG A 280 -17.28 -0.23 -7.62
CA ARG A 280 -18.29 -1.16 -8.10
C ARG A 280 -19.61 -1.01 -7.35
N ARG A 281 -19.73 -0.08 -6.42
CA ARG A 281 -20.96 0.05 -5.65
C ARG A 281 -22.10 0.44 -6.56
N GLU A 282 -23.29 -0.04 -6.24
CA GLU A 282 -24.43 0.24 -7.09
C GLU A 282 -24.85 1.71 -6.98
N LEU A 283 -25.53 2.16 -8.01
CA LEU A 283 -26.07 3.52 -8.02
C LEU A 283 -27.33 3.46 -7.17
N PHE A 284 -27.37 4.27 -6.10
CA PHE A 284 -28.38 4.10 -5.06
C PHE A 284 -29.78 4.47 -5.53
N GLY A 285 -29.92 5.28 -6.56
CA GLY A 285 -31.23 5.73 -6.94
C GLY A 285 -31.74 5.06 -8.19
N CYS A 286 -30.84 4.63 -9.06
CA CYS A 286 -31.21 4.24 -10.40
C CYS A 286 -30.84 2.78 -10.65
N PRO A 287 -31.76 1.97 -11.17
CA PRO A 287 -31.40 0.59 -11.52
C PRO A 287 -30.58 0.55 -12.80
N SER A 288 -29.44 -0.12 -12.74
CA SER A 288 -28.63 -0.39 -13.91
C SER A 288 -28.76 -1.85 -14.30
N GLU A 289 -28.29 -2.14 -15.50
CA GLU A 289 -28.07 -3.51 -15.92
C GLU A 289 -26.57 -3.63 -16.14
N ALA A 290 -25.95 -4.59 -15.46
CA ALA A 290 -24.50 -4.71 -15.48
C ALA A 290 -24.13 -5.73 -16.56
N ASP A 291 -24.33 -5.30 -17.81
CA ASP A 291 -24.11 -6.04 -19.05
C ASP A 291 -24.42 -7.52 -18.87
N VAL A 292 -23.49 -8.40 -19.23
CA VAL A 292 -23.64 -9.83 -18.97
C VAL A 292 -22.50 -10.42 -18.15
N ASN A 293 -21.33 -9.76 -18.08
CA ASN A 293 -20.24 -10.31 -17.30
C ASN A 293 -20.65 -10.49 -15.84
N SER A 294 -21.41 -9.53 -15.30
CA SER A 294 -22.02 -9.73 -13.98
C SER A 294 -23.15 -10.77 -14.04
N GLU A 295 -23.86 -10.89 -15.16
CA GLU A 295 -24.89 -11.92 -15.23
C GLU A 295 -24.29 -13.31 -15.04
N ASN A 296 -23.16 -13.59 -15.70
CA ASN A 296 -22.56 -14.90 -15.52
C ASN A 296 -21.85 -15.02 -14.18
N LEU A 297 -21.24 -13.94 -13.68
CA LEU A 297 -20.66 -14.02 -12.34
C LEU A 297 -21.72 -14.34 -11.29
N GLN A 298 -22.87 -13.66 -11.36
CA GLN A 298 -23.97 -13.91 -10.45
C GLN A 298 -24.52 -15.33 -10.60
N LYS A 299 -24.71 -15.79 -11.85
CA LYS A 299 -25.16 -17.17 -12.06
C LYS A 299 -24.22 -18.16 -11.40
N GLN A 300 -22.92 -18.06 -11.72
CA GLN A 300 -21.95 -19.01 -11.21
C GLN A 300 -21.82 -18.95 -9.69
N LEU A 301 -21.91 -17.76 -9.10
CA LEU A 301 -21.85 -17.71 -7.64
C LEU A 301 -23.14 -18.19 -6.99
N SER A 302 -24.25 -18.20 -7.71
CA SER A 302 -25.48 -18.76 -7.15
C SER A 302 -25.47 -20.28 -7.21
N GLU A 303 -25.00 -20.86 -8.32
CA GLU A 303 -25.00 -22.32 -8.45
C GLU A 303 -24.10 -23.01 -7.42
N LEU A 304 -23.21 -22.28 -6.76
CA LEU A 304 -22.29 -22.93 -5.84
C LEU A 304 -23.02 -23.46 -4.61
N ASP A 305 -22.35 -24.38 -3.91
CA ASP A 305 -22.85 -24.95 -2.66
C ASP A 305 -22.18 -24.20 -1.51
N GLU A 306 -22.98 -23.39 -0.80
CA GLU A 306 -22.44 -22.58 0.27
C GLU A 306 -22.08 -23.41 1.51
N ASP A 307 -22.71 -24.59 1.65
CA ASP A 307 -22.43 -25.48 2.77
C ASP A 307 -21.06 -26.15 2.65
N ASP A 308 -20.48 -26.20 1.45
CA ASP A 308 -19.15 -26.77 1.27
C ASP A 308 -18.10 -25.93 2.00
N LEU A 309 -17.14 -26.60 2.62
CA LEU A 309 -16.11 -25.87 3.35
C LEU A 309 -15.00 -25.33 2.45
N CYS A 310 -15.04 -25.61 1.15
CA CYS A 310 -14.14 -24.98 0.21
C CYS A 310 -14.86 -23.93 -0.65
N TYR A 311 -15.90 -23.32 -0.09
CA TYR A 311 -16.73 -22.38 -0.84
C TYR A 311 -15.93 -21.19 -1.31
N GLU A 312 -15.01 -20.71 -0.48
CA GLU A 312 -14.22 -19.56 -0.91
C GLU A 312 -13.36 -19.89 -2.11
N PHE A 313 -12.83 -21.11 -2.20
CA PHE A 313 -12.02 -21.42 -3.39
C PHE A 313 -12.89 -21.44 -4.63
N ARG A 314 -14.09 -21.99 -4.51
CA ARG A 314 -14.97 -22.09 -5.65
C ARG A 314 -15.47 -20.73 -6.08
N ARG A 315 -15.76 -19.88 -5.09
CA ARG A 315 -16.18 -18.51 -5.37
C ARG A 315 -15.06 -17.73 -6.06
N GLU A 316 -13.81 -17.94 -5.64
CA GLU A 316 -12.69 -17.27 -6.29
C GLU A 316 -12.25 -17.94 -7.59
N ARG A 317 -12.80 -19.09 -7.94
CA ARG A 317 -12.55 -19.63 -9.27
C ARG A 317 -13.10 -18.71 -10.36
N PHE A 318 -14.19 -18.00 -10.09
CA PHE A 318 -14.85 -17.21 -11.11
C PHE A 318 -14.71 -15.70 -10.92
N THR A 319 -13.99 -15.25 -9.90
CA THR A 319 -13.88 -13.83 -9.64
C THR A 319 -13.25 -13.12 -10.84
N VAL A 320 -13.74 -11.91 -11.13
CA VAL A 320 -13.25 -11.10 -12.22
C VAL A 320 -12.44 -9.96 -11.62
N HIS A 321 -11.16 -9.91 -11.92
CA HIS A 321 -10.29 -8.89 -11.37
C HIS A 321 -10.15 -7.76 -12.37
N ARG A 322 -10.22 -6.53 -11.87
CA ARG A 322 -9.89 -5.37 -12.67
C ARG A 322 -8.50 -5.56 -13.28
N THR A 323 -8.40 -5.40 -14.59
CA THR A 323 -7.16 -5.68 -15.32
C THR A 323 -6.71 -4.49 -16.14
N HIS A 324 -5.43 -4.13 -16.03
CA HIS A 324 -4.86 -3.02 -16.78
C HIS A 324 -3.67 -3.56 -17.56
N LEU A 325 -3.89 -3.95 -18.82
CA LEU A 325 -2.82 -4.40 -19.69
C LEU A 325 -1.94 -3.23 -20.12
N TYR A 326 -0.65 -3.50 -20.27
CA TYR A 326 0.34 -2.54 -20.79
C TYR A 326 0.29 -1.22 -20.03
N PHE A 327 0.45 -1.35 -18.70
CA PHE A 327 0.48 -0.21 -17.79
C PHE A 327 1.59 0.77 -18.15
N LEU A 328 2.67 0.28 -18.77
CA LEU A 328 3.80 1.11 -19.18
C LEU A 328 3.98 1.07 -20.70
N HIS A 329 4.72 2.05 -21.21
CA HIS A 329 4.99 2.15 -22.65
C HIS A 329 5.53 0.82 -23.19
N TYR A 330 4.99 0.39 -24.31
CA TYR A 330 5.35 -0.91 -24.88
C TYR A 330 5.63 -0.72 -26.36
N GLU A 331 6.70 -1.35 -26.83
CA GLU A 331 7.07 -1.23 -28.22
C GLU A 331 7.74 -2.53 -28.62
N TYR A 332 7.06 -3.31 -29.44
CA TYR A 332 7.58 -4.58 -29.92
C TYR A 332 8.14 -4.46 -31.32
N GLU A 333 9.32 -5.04 -31.49
CA GLU A 333 10.03 -5.04 -32.75
C GLU A 333 9.73 -6.34 -33.48
N PRO A 334 9.02 -6.29 -34.61
CA PRO A 334 8.70 -7.52 -35.36
C PRO A 334 9.92 -8.36 -35.72
N ALA A 335 9.85 -9.66 -35.41
CA ALA A 335 10.96 -10.57 -35.68
C ALA A 335 10.92 -11.02 -37.14
N ALA A 336 12.09 -11.10 -37.77
CA ALA A 336 12.18 -11.56 -39.16
C ALA A 336 11.60 -12.96 -39.30
N ASP A 337 12.29 -13.95 -38.73
CA ASP A 337 11.79 -15.30 -38.73
C ASP A 337 10.64 -15.42 -37.72
N SER A 338 9.87 -16.49 -37.85
CA SER A 338 8.78 -16.76 -36.91
C SER A 338 9.23 -17.60 -35.71
N THR A 339 10.25 -17.11 -34.98
CA THR A 339 10.80 -17.88 -33.88
C THR A 339 10.88 -17.15 -32.54
N ASP A 340 10.47 -15.89 -32.47
CA ASP A 340 10.68 -15.10 -31.27
C ASP A 340 9.93 -15.70 -30.08
N VAL A 341 10.53 -15.58 -28.89
CA VAL A 341 10.05 -16.18 -27.64
C VAL A 341 9.88 -15.07 -26.62
N THR A 342 8.83 -15.16 -25.80
CA THR A 342 8.59 -14.24 -24.70
C THR A 342 8.81 -14.93 -23.35
N LEU A 343 9.56 -14.29 -22.46
CA LEU A 343 9.64 -14.76 -21.09
C LEU A 343 8.38 -14.33 -20.36
N VAL A 344 7.65 -15.29 -19.80
CA VAL A 344 6.37 -15.07 -19.13
C VAL A 344 6.54 -15.37 -17.64
N ALA A 345 6.00 -14.50 -16.79
CA ALA A 345 6.13 -14.67 -15.34
C ALA A 345 5.13 -13.75 -14.65
N GLN A 346 5.00 -13.96 -13.34
CA GLN A 346 4.04 -13.27 -12.49
C GLN A 346 4.70 -12.95 -11.16
N LEU A 347 4.22 -11.89 -10.52
CA LEU A 347 4.88 -11.46 -9.29
C LEU A 347 3.96 -10.58 -8.47
N SER A 348 4.27 -10.50 -7.18
CA SER A 348 3.69 -9.50 -6.32
C SER A 348 4.72 -8.41 -6.06
N MET A 349 4.29 -7.39 -5.30
CA MET A 349 5.13 -6.23 -5.07
C MET A 349 6.45 -6.64 -4.40
N ASP A 350 6.41 -7.62 -3.50
CA ASP A 350 7.63 -8.00 -2.78
C ASP A 350 8.72 -8.57 -3.68
N ARG A 351 8.43 -8.89 -4.95
CA ARG A 351 9.47 -9.41 -5.83
C ARG A 351 9.84 -8.42 -6.94
N LEU A 352 9.43 -7.16 -6.79
CA LEU A 352 9.80 -6.13 -7.76
C LEU A 352 11.32 -6.05 -7.96
N GLN A 353 12.09 -6.34 -6.90
CA GLN A 353 13.54 -6.26 -6.98
C GLN A 353 14.09 -7.09 -8.12
N MET A 354 13.34 -8.13 -8.50
CA MET A 354 13.85 -9.09 -9.48
C MET A 354 13.86 -8.55 -10.91
N LEU A 355 13.03 -7.55 -11.22
CA LEU A 355 12.85 -7.18 -12.63
C LEU A 355 14.18 -6.83 -13.30
N GLU A 356 14.96 -5.93 -12.69
CA GLU A 356 16.19 -5.50 -13.35
C GLU A 356 17.10 -6.70 -13.61
N ALA A 357 17.16 -7.63 -12.65
CA ALA A 357 17.98 -8.83 -12.82
C ALA A 357 17.54 -9.62 -14.04
N ILE A 358 16.23 -9.85 -14.16
CA ILE A 358 15.75 -10.59 -15.33
C ILE A 358 16.08 -9.83 -16.60
N CYS A 359 15.96 -8.50 -16.58
CA CYS A 359 16.25 -7.77 -17.80
C CYS A 359 17.73 -7.88 -18.15
N LYS A 360 18.59 -8.04 -17.15
CA LYS A 360 20.01 -8.18 -17.47
C LYS A 360 20.28 -9.54 -18.11
N HIS A 361 19.47 -10.55 -17.78
CA HIS A 361 19.67 -11.91 -18.25
C HIS A 361 18.86 -12.25 -19.51
N TRP A 362 17.76 -11.56 -19.76
CA TRP A 362 16.90 -11.88 -20.89
C TRP A 362 16.69 -10.59 -21.68
N GLU A 363 17.24 -10.52 -22.88
CA GLU A 363 17.13 -9.29 -23.65
C GLU A 363 15.89 -9.27 -24.54
N GLY A 364 15.27 -10.42 -24.76
CA GLY A 364 14.07 -10.51 -25.57
C GLY A 364 12.84 -10.02 -24.85
N PRO A 365 11.68 -10.14 -25.51
CA PRO A 365 10.45 -9.60 -24.93
C PRO A 365 9.98 -10.34 -23.67
N ILE A 366 9.25 -9.61 -22.83
CA ILE A 366 8.81 -10.11 -21.52
C ILE A 366 7.36 -9.71 -21.28
N SER A 367 6.57 -10.63 -20.74
CA SER A 367 5.20 -10.34 -20.32
C SER A 367 5.04 -10.71 -18.85
N LEU A 368 4.53 -9.78 -18.05
CA LEU A 368 4.47 -9.92 -16.62
C LEU A 368 3.06 -9.63 -16.13
N ALA A 369 2.57 -10.48 -15.23
CA ALA A 369 1.34 -10.19 -14.52
C ALA A 369 1.68 -9.73 -13.11
N LEU A 370 1.19 -8.56 -12.73
CA LEU A 370 1.52 -7.94 -11.46
C LEU A 370 0.24 -7.90 -10.64
N TYR A 371 0.27 -8.56 -9.48
CA TYR A 371 -0.89 -8.59 -8.61
C TYR A 371 -0.71 -7.45 -7.62
N LEU A 372 -1.40 -6.33 -7.84
CA LEU A 372 -1.15 -5.14 -7.06
C LEU A 372 -2.46 -4.55 -6.56
N SER A 373 -2.32 -3.70 -5.55
CA SER A 373 -3.30 -2.70 -5.17
C SER A 373 -3.02 -1.39 -5.90
N ASP A 374 -3.98 -0.47 -5.80
CA ASP A 374 -3.84 0.82 -6.48
C ASP A 374 -2.62 1.60 -5.97
N ALA A 375 -2.44 1.63 -4.64
CA ALA A 375 -1.26 2.24 -4.07
C ALA A 375 0.01 1.55 -4.56
N GLU A 376 0.01 0.22 -4.55
CA GLU A 376 1.19 -0.50 -5.03
C GLU A 376 1.42 -0.23 -6.51
N ALA A 377 0.35 -0.09 -7.30
CA ALA A 377 0.50 0.20 -8.72
C ALA A 377 1.18 1.55 -8.93
N GLN A 378 0.83 2.54 -8.13
CA GLN A 378 1.45 3.84 -8.33
C GLN A 378 2.90 3.84 -7.82
N GLN A 379 3.16 3.11 -6.74
CA GLN A 379 4.54 2.92 -6.28
C GLN A 379 5.39 2.24 -7.36
N PHE A 380 4.82 1.23 -8.03
CA PHE A 380 5.52 0.57 -9.12
C PHE A 380 5.77 1.53 -10.28
N LEU A 381 4.79 2.38 -10.58
CA LEU A 381 5.01 3.38 -11.63
C LEU A 381 6.24 4.21 -11.30
N ARG A 382 6.33 4.68 -10.06
CA ARG A 382 7.47 5.47 -9.63
C ARG A 382 8.78 4.69 -9.76
N TYR A 383 8.76 3.43 -9.31
CA TYR A 383 9.98 2.63 -9.35
C TYR A 383 10.48 2.49 -10.77
N ALA A 384 9.57 2.15 -11.70
CA ALA A 384 9.97 2.00 -13.09
C ALA A 384 10.47 3.32 -13.66
N GLN A 385 9.83 4.43 -13.29
CA GLN A 385 10.25 5.73 -13.82
C GLN A 385 11.65 6.09 -13.36
N GLY A 386 12.09 5.57 -12.21
CA GLY A 386 13.42 5.87 -11.76
C GLY A 386 14.46 4.84 -12.12
N SER A 387 14.11 3.81 -12.89
CA SER A 387 15.05 2.77 -13.27
C SER A 387 15.46 2.96 -14.73
N GLU A 388 16.77 3.10 -14.96
CA GLU A 388 17.24 3.23 -16.34
C GLU A 388 17.13 1.92 -17.11
N VAL A 389 17.43 0.80 -16.46
CA VAL A 389 17.28 -0.47 -17.16
C VAL A 389 15.83 -0.69 -17.57
N LEU A 390 14.87 -0.40 -16.68
CA LEU A 390 13.47 -0.61 -17.07
C LEU A 390 12.99 0.43 -18.08
N MET A 391 13.47 1.68 -17.99
CA MET A 391 13.05 2.68 -18.95
C MET A 391 13.72 2.50 -20.31
N SER A 392 14.91 1.91 -20.32
CA SER A 392 15.61 1.63 -21.57
C SER A 392 14.97 0.48 -22.32
N ARG A 393 14.23 -0.37 -21.63
CA ARG A 393 13.53 -1.50 -22.25
C ARG A 393 12.10 -1.09 -22.55
N HIS A 394 11.72 -1.18 -23.82
CA HIS A 394 10.35 -0.93 -24.22
C HIS A 394 9.59 -2.20 -24.59
N ASN A 395 10.26 -3.36 -24.52
CA ASN A 395 9.66 -4.63 -24.92
C ASN A 395 9.21 -5.48 -23.72
N VAL A 396 8.83 -4.84 -22.62
CA VAL A 396 8.27 -5.54 -21.45
C VAL A 396 6.85 -5.06 -21.24
N GLY A 397 5.91 -5.99 -21.25
CA GLY A 397 4.53 -5.66 -20.97
C GLY A 397 4.18 -5.90 -19.52
N TYR A 398 3.75 -4.83 -18.83
CA TYR A 398 3.39 -4.87 -17.43
C TYR A 398 1.86 -4.83 -17.34
N HIS A 399 1.26 -5.93 -16.92
CA HIS A 399 -0.20 -6.05 -16.80
C HIS A 399 -0.57 -6.07 -15.33
N ILE A 400 -1.51 -5.21 -14.93
CA ILE A 400 -1.88 -5.02 -13.53
C ILE A 400 -3.16 -5.82 -13.29
N VAL A 401 -3.09 -6.81 -12.42
CA VAL A 401 -4.29 -7.50 -11.96
C VAL A 401 -4.54 -7.02 -10.53
N TYR A 402 -5.61 -6.28 -10.33
CA TYR A 402 -5.81 -5.65 -9.03
C TYR A 402 -6.31 -6.65 -8.00
N LYS A 403 -5.80 -6.51 -6.78
CA LYS A 403 -6.07 -7.49 -5.73
C LYS A 403 -7.55 -7.51 -5.40
N GLU A 404 -8.03 -8.70 -5.06
CA GLU A 404 -9.42 -8.95 -4.72
C GLU A 404 -9.47 -10.34 -4.15
N GLY A 405 -10.31 -10.52 -3.14
CA GLY A 405 -10.49 -11.84 -2.59
C GLY A 405 -9.36 -12.22 -1.67
N GLN A 406 -9.29 -13.52 -1.38
CA GLN A 406 -8.52 -13.97 -0.24
C GLN A 406 -7.27 -14.75 -0.60
N PHE A 407 -7.24 -15.37 -1.77
CA PHE A 407 -6.13 -16.25 -2.14
C PHE A 407 -5.40 -15.69 -3.35
N TYR A 408 -4.13 -16.07 -3.46
CA TYR A 408 -3.28 -15.61 -4.56
C TYR A 408 -3.71 -16.27 -5.86
N PRO A 409 -4.30 -15.55 -6.81
CA PRO A 409 -4.88 -16.20 -7.99
C PRO A 409 -3.83 -16.50 -9.03
N VAL A 410 -2.85 -17.32 -8.64
CA VAL A 410 -1.66 -17.54 -9.45
C VAL A 410 -2.00 -17.95 -10.88
N ASN A 411 -3.04 -18.76 -11.09
CA ASN A 411 -3.29 -19.20 -12.46
C ASN A 411 -4.01 -18.15 -13.31
N LEU A 412 -4.91 -17.37 -12.71
CA LEU A 412 -5.38 -16.17 -13.38
C LEU A 412 -4.21 -15.30 -13.81
N LEU A 413 -3.26 -15.10 -12.89
CA LEU A 413 -2.11 -14.26 -13.20
C LEU A 413 -1.33 -14.83 -14.37
N ARG A 414 -0.98 -16.11 -14.31
CA ARG A 414 -0.22 -16.71 -15.39
C ARG A 414 -0.98 -16.59 -16.70
N ASN A 415 -2.30 -16.78 -16.68
CA ASN A 415 -3.07 -16.72 -17.92
C ASN A 415 -3.09 -15.31 -18.48
N VAL A 416 -3.26 -14.32 -17.62
CA VAL A 416 -3.23 -12.94 -18.11
C VAL A 416 -1.89 -12.64 -18.76
N ALA A 417 -0.79 -13.07 -18.12
CA ALA A 417 0.53 -12.78 -18.67
C ALA A 417 0.76 -13.50 -19.99
N MET A 418 0.43 -14.80 -20.07
CA MET A 418 0.76 -15.58 -21.27
C MET A 418 -0.16 -15.29 -22.43
N LYS A 419 -1.42 -14.85 -22.20
CA LYS A 419 -2.27 -14.59 -23.35
C LYS A 419 -1.80 -13.35 -24.11
N HIS A 420 -1.28 -12.35 -23.40
CA HIS A 420 -0.95 -11.06 -24.03
C HIS A 420 0.55 -10.98 -24.27
N ILE A 421 0.98 -11.74 -25.28
CA ILE A 421 2.35 -11.72 -25.76
C ILE A 421 2.32 -11.37 -27.24
N SER A 422 3.49 -11.10 -27.79
CA SER A 422 3.63 -10.66 -29.16
C SER A 422 4.38 -11.66 -30.04
N THR A 423 4.62 -12.87 -29.55
CA THR A 423 5.54 -13.79 -30.21
C THR A 423 4.90 -15.15 -30.39
N PRO A 424 5.39 -15.93 -31.36
CA PRO A 424 4.78 -17.24 -31.57
C PRO A 424 5.02 -18.20 -30.44
N TYR A 425 6.11 -18.08 -29.67
CA TYR A 425 6.36 -19.03 -28.58
C TYR A 425 6.60 -18.29 -27.28
N MET A 426 6.38 -19.00 -26.17
CA MET A 426 6.49 -18.43 -24.84
C MET A 426 7.28 -19.34 -23.92
N PHE A 427 8.05 -18.71 -23.03
CA PHE A 427 8.82 -19.39 -21.99
C PHE A 427 8.17 -19.10 -20.66
N LEU A 428 7.56 -20.13 -20.08
CA LEU A 428 6.77 -19.99 -18.88
C LEU A 428 7.71 -20.15 -17.69
N SER A 429 8.01 -19.05 -17.03
CA SER A 429 9.07 -19.03 -16.05
C SER A 429 8.51 -18.52 -14.72
N ASP A 430 9.33 -18.52 -13.69
CA ASP A 430 8.94 -17.90 -12.43
C ASP A 430 9.82 -16.67 -12.20
N ILE A 431 9.28 -15.68 -11.48
CA ILE A 431 9.98 -14.42 -11.28
C ILE A 431 11.28 -14.60 -10.49
N ASP A 432 11.41 -15.68 -9.75
CA ASP A 432 12.56 -15.87 -8.89
C ASP A 432 13.71 -16.61 -9.55
N PHE A 433 13.60 -16.99 -10.82
CA PHE A 433 14.75 -17.55 -11.50
C PHE A 433 15.38 -16.50 -12.40
N LEU A 434 16.71 -16.55 -12.46
CA LEU A 434 17.43 -15.85 -13.50
C LEU A 434 17.79 -16.83 -14.59
N PRO A 435 17.37 -16.62 -15.83
CA PRO A 435 17.78 -17.50 -16.92
C PRO A 435 19.26 -17.31 -17.24
N MET A 436 19.87 -18.35 -17.79
CA MET A 436 21.23 -18.21 -18.28
C MET A 436 21.35 -17.07 -19.29
N TYR A 437 22.52 -16.43 -19.26
CA TYR A 437 22.82 -15.41 -20.27
C TYR A 437 22.80 -16.05 -21.65
N GLY A 438 22.10 -15.40 -22.56
CA GLY A 438 21.96 -15.92 -23.90
C GLY A 438 20.93 -17.00 -24.06
N LEU A 439 20.06 -17.19 -23.06
CA LEU A 439 19.01 -18.19 -23.18
C LEU A 439 18.07 -17.87 -24.33
N TYR A 440 17.83 -16.58 -24.59
CA TYR A 440 16.85 -16.15 -25.59
C TYR A 440 17.23 -16.67 -26.97
N GLU A 441 18.45 -16.38 -27.40
CA GLU A 441 18.88 -16.88 -28.69
C GLU A 441 18.88 -18.40 -28.72
N TYR A 442 19.25 -19.02 -27.61
CA TYR A 442 19.30 -20.48 -27.59
C TYR A 442 17.93 -21.08 -27.83
N LEU A 443 16.91 -20.48 -27.21
CA LEU A 443 15.56 -20.98 -27.41
C LEU A 443 15.10 -20.77 -28.84
N ARG A 444 15.47 -19.65 -29.46
CA ARG A 444 15.06 -19.46 -30.87
C ARG A 444 15.71 -20.50 -31.78
N LYS A 445 17.02 -20.68 -31.62
CA LYS A 445 17.74 -21.70 -32.38
C LYS A 445 17.13 -23.07 -32.15
N SER A 446 16.66 -23.32 -30.91
CA SER A 446 16.10 -24.61 -30.57
C SER A 446 14.74 -24.81 -31.23
N VAL A 447 13.89 -23.77 -31.24
CA VAL A 447 12.60 -23.98 -31.88
C VAL A 447 12.81 -24.32 -33.35
N ILE A 448 13.82 -23.71 -33.99
CA ILE A 448 14.06 -24.14 -35.37
C ILE A 448 14.56 -25.58 -35.40
N GLN A 449 15.54 -25.95 -34.56
CA GLN A 449 16.09 -27.29 -34.75
C GLN A 449 15.08 -28.37 -34.37
N LEU A 450 14.23 -28.13 -33.37
CA LEU A 450 13.26 -29.11 -32.95
C LEU A 450 11.93 -29.00 -33.71
N ASP A 451 11.87 -28.17 -34.74
CA ASP A 451 10.69 -28.07 -35.60
C ASP A 451 9.42 -27.81 -34.78
N LEU A 452 9.52 -26.86 -33.85
CA LEU A 452 8.35 -26.48 -33.06
C LEU A 452 7.27 -25.81 -33.88
N ALA A 453 7.55 -25.45 -35.13
CA ALA A 453 6.52 -24.87 -35.98
C ALA A 453 5.56 -25.92 -36.50
N ASN A 454 5.99 -27.18 -36.58
CA ASN A 454 5.19 -28.21 -37.22
C ASN A 454 4.74 -29.31 -36.27
N THR A 455 5.08 -29.23 -34.99
CA THR A 455 4.83 -30.33 -34.08
C THR A 455 4.54 -29.78 -32.69
N LYS A 456 3.80 -30.56 -31.90
CA LYS A 456 3.43 -30.18 -30.54
C LYS A 456 4.56 -30.60 -29.60
N LYS A 457 5.36 -29.65 -29.13
CA LYS A 457 6.46 -29.99 -28.25
C LYS A 457 6.59 -28.94 -27.15
N ALA A 458 7.08 -29.38 -26.00
CA ALA A 458 7.35 -28.53 -24.85
C ALA A 458 8.81 -28.69 -24.48
N MET A 459 9.61 -27.65 -24.73
CA MET A 459 11.04 -27.72 -24.47
C MET A 459 11.30 -27.42 -22.99
N ILE A 460 12.01 -28.32 -22.32
CA ILE A 460 12.24 -28.19 -20.89
C ILE A 460 13.56 -27.48 -20.65
N VAL A 461 13.55 -26.49 -19.76
CA VAL A 461 14.72 -25.72 -19.34
C VAL A 461 15.10 -26.16 -17.93
N PRO A 462 16.20 -26.88 -17.76
CA PRO A 462 16.56 -27.38 -16.42
C PRO A 462 16.75 -26.25 -15.42
N ALA A 463 16.16 -26.44 -14.24
CA ALA A 463 16.10 -25.41 -13.19
C ALA A 463 16.96 -25.83 -12.00
N PHE A 464 17.88 -24.95 -11.58
CA PHE A 464 18.64 -25.25 -10.36
C PHE A 464 18.39 -24.15 -9.34
N GLU A 465 19.07 -24.24 -8.19
CA GLU A 465 18.81 -23.37 -7.07
C GLU A 465 20.10 -23.11 -6.30
N THR A 466 20.19 -21.93 -5.68
CA THR A 466 21.30 -21.65 -4.77
C THR A 466 20.80 -21.10 -3.45
N LEU A 467 21.58 -21.36 -2.40
CA LEU A 467 21.34 -20.78 -1.08
C LEU A 467 22.30 -19.64 -0.77
N ARG A 468 23.26 -19.36 -1.67
CA ARG A 468 24.13 -18.22 -1.49
C ARG A 468 23.42 -16.95 -1.95
N TYR A 469 23.51 -15.87 -1.15
CA TYR A 469 22.91 -14.60 -1.59
C TYR A 469 23.86 -13.74 -2.43
N ARG A 470 25.18 -13.99 -2.38
CA ARG A 470 26.16 -13.23 -3.16
C ARG A 470 26.75 -14.30 -4.08
N LEU A 471 26.12 -14.48 -5.24
CA LEU A 471 26.46 -15.55 -6.16
C LEU A 471 27.16 -14.97 -7.38
N SER A 472 28.15 -15.70 -7.88
CA SER A 472 28.77 -15.37 -9.16
C SER A 472 28.07 -16.25 -10.20
N PHE A 473 27.31 -15.62 -11.08
CA PHE A 473 26.44 -16.39 -11.97
C PHE A 473 27.28 -17.11 -13.03
N PRO A 474 27.13 -18.43 -13.16
CA PRO A 474 27.88 -19.19 -14.17
C PRO A 474 27.58 -18.74 -15.60
N LYS A 475 28.65 -18.55 -16.38
CA LYS A 475 28.55 -18.09 -17.75
C LYS A 475 28.75 -19.19 -18.79
N SER A 476 28.68 -20.45 -18.37
CA SER A 476 28.74 -21.60 -19.28
C SER A 476 28.24 -22.81 -18.52
N LYS A 477 27.85 -23.85 -19.28
CA LYS A 477 27.45 -25.10 -18.66
C LYS A 477 28.60 -25.74 -17.89
N ALA A 478 29.84 -25.54 -18.33
CA ALA A 478 30.97 -26.12 -17.61
C ALA A 478 31.12 -25.48 -16.23
N GLU A 479 30.95 -24.15 -16.15
CA GLU A 479 30.95 -23.47 -14.86
C GLU A 479 29.78 -23.93 -14.00
N LEU A 480 28.60 -24.05 -14.59
CA LEU A 480 27.44 -24.59 -13.88
C LEU A 480 27.77 -25.93 -13.23
N LEU A 481 28.38 -26.83 -14.00
CA LEU A 481 28.65 -28.17 -13.47
C LEU A 481 29.68 -28.13 -12.37
N SER A 482 30.70 -27.29 -12.50
CA SER A 482 31.67 -27.15 -11.41
C SER A 482 30.99 -26.64 -10.15
N MET A 483 30.14 -25.61 -10.28
CA MET A 483 29.46 -25.09 -9.09
C MET A 483 28.59 -26.16 -8.45
N LEU A 484 27.96 -27.00 -9.25
CA LEU A 484 27.23 -28.13 -8.68
C LEU A 484 28.17 -29.06 -7.94
N ASP A 485 29.38 -29.26 -8.48
CA ASP A 485 30.34 -30.16 -7.86
C ASP A 485 30.97 -29.60 -6.59
N MET A 486 30.84 -28.30 -6.34
CA MET A 486 31.35 -27.72 -5.12
C MET A 486 30.26 -27.48 -4.07
N GLY A 487 29.02 -27.89 -4.37
CA GLY A 487 27.91 -27.76 -3.44
C GLY A 487 27.28 -26.40 -3.30
N THR A 488 27.56 -25.46 -4.22
CA THR A 488 26.95 -24.15 -4.13
C THR A 488 25.68 -24.03 -4.96
N LEU A 489 25.55 -24.84 -6.00
CA LEU A 489 24.31 -25.02 -6.71
C LEU A 489 23.78 -26.41 -6.43
N PHE A 490 22.46 -26.56 -6.50
CA PHE A 490 21.86 -27.88 -6.43
C PHE A 490 20.61 -27.86 -7.30
N THR A 491 20.09 -29.04 -7.60
CA THR A 491 18.86 -29.11 -8.38
C THR A 491 17.71 -28.45 -7.62
N PHE A 492 16.80 -27.84 -8.39
CA PHE A 492 15.66 -27.14 -7.81
C PHE A 492 14.68 -28.09 -7.13
N THR A 504 14.93 -37.40 -12.69
CA THR A 504 15.54 -37.64 -14.02
C THR A 504 17.00 -38.03 -13.84
N ASN A 505 17.64 -38.44 -14.91
CA ASN A 505 19.09 -38.74 -14.85
C ASN A 505 19.78 -37.41 -15.08
N PHE A 506 20.25 -36.79 -14.01
CA PHE A 506 21.02 -35.53 -14.14
C PHE A 506 22.25 -35.91 -14.95
N ALA A 507 22.68 -37.15 -14.83
CA ALA A 507 23.84 -37.64 -15.58
C ALA A 507 23.57 -37.58 -17.07
N LYS A 508 22.36 -37.91 -17.49
CA LYS A 508 22.06 -37.80 -18.95
C LYS A 508 22.17 -36.33 -19.37
N TRP A 509 21.63 -35.40 -18.58
CA TRP A 509 21.78 -33.95 -18.92
C TRP A 509 23.23 -33.56 -18.79
N ARG A 510 23.88 -34.01 -17.71
CA ARG A 510 25.27 -33.60 -17.48
C ARG A 510 26.05 -33.73 -18.76
N THR A 511 25.99 -34.92 -19.36
CA THR A 511 26.81 -35.26 -20.52
C THR A 511 26.11 -35.07 -21.85
N ALA A 512 24.79 -34.82 -21.87
CA ALA A 512 24.05 -34.74 -23.12
C ALA A 512 24.57 -33.61 -24.00
N THR A 513 24.49 -33.83 -25.31
CA THR A 513 24.75 -32.78 -26.29
C THR A 513 23.60 -32.56 -27.26
N THR A 514 22.63 -33.46 -27.32
CA THR A 514 21.45 -33.44 -28.17
C THR A 514 20.21 -33.29 -27.29
N PRO A 515 19.23 -32.48 -27.70
CA PRO A 515 17.95 -32.51 -26.99
C PRO A 515 17.44 -33.94 -26.97
N TYR A 516 16.80 -34.31 -25.87
CA TYR A 516 16.32 -35.67 -25.70
C TYR A 516 14.90 -35.61 -25.15
N ARG A 517 14.15 -36.67 -25.43
CA ARG A 517 12.76 -36.75 -25.02
C ARG A 517 12.67 -37.40 -23.65
N VAL A 518 11.77 -36.87 -22.81
CA VAL A 518 11.46 -37.48 -21.52
C VAL A 518 9.95 -37.73 -21.44
N GLU A 519 9.57 -38.72 -20.66
CA GLU A 519 8.16 -39.03 -20.52
C GLU A 519 7.56 -38.35 -19.29
N TRP A 520 6.22 -38.27 -19.28
CA TRP A 520 5.53 -37.70 -18.13
C TRP A 520 5.59 -38.67 -16.96
N GLU A 521 5.75 -38.12 -15.77
CA GLU A 521 5.77 -38.89 -14.53
C GLU A 521 4.83 -38.19 -13.54
N ALA A 522 4.49 -38.88 -12.46
CA ALA A 522 3.57 -38.32 -11.48
C ALA A 522 4.11 -37.00 -10.94
N ASP A 523 3.21 -36.02 -10.81
CA ASP A 523 3.54 -34.71 -10.23
C ASP A 523 4.62 -33.99 -11.03
N PHE A 524 4.75 -34.32 -12.31
CA PHE A 524 5.75 -33.70 -13.17
C PHE A 524 5.51 -32.20 -13.29
N GLU A 525 6.58 -31.40 -13.18
CA GLU A 525 6.37 -29.97 -13.12
C GLU A 525 7.54 -29.16 -13.71
N PRO A 526 7.97 -29.42 -14.95
CA PRO A 526 9.12 -28.70 -15.51
C PRO A 526 8.77 -27.28 -15.92
N TYR A 527 9.80 -26.50 -16.26
CA TYR A 527 9.56 -25.21 -16.91
C TYR A 527 9.80 -25.37 -18.41
N VAL A 528 8.77 -25.07 -19.21
CA VAL A 528 8.75 -25.39 -20.62
C VAL A 528 8.64 -24.12 -21.45
N VAL A 529 9.10 -24.22 -22.70
CA VAL A 529 8.86 -23.23 -23.74
C VAL A 529 7.94 -23.89 -24.75
N VAL A 530 6.79 -23.26 -25.03
CA VAL A 530 5.74 -23.86 -25.84
C VAL A 530 5.18 -22.84 -26.84
N ARG A 531 4.40 -23.36 -27.77
CA ARG A 531 3.64 -22.54 -28.70
C ARG A 531 2.64 -21.67 -27.95
N ARG A 532 2.35 -20.50 -28.51
CA ARG A 532 1.54 -19.52 -27.79
C ARG A 532 0.10 -19.98 -27.61
N ASP A 533 -0.39 -20.91 -28.43
CA ASP A 533 -1.76 -21.38 -28.36
C ASP A 533 -1.88 -22.71 -27.61
N CYS A 534 -0.98 -22.98 -26.68
CA CYS A 534 -1.07 -24.18 -25.86
C CYS A 534 -2.22 -24.00 -24.87
N PRO A 535 -2.64 -25.07 -24.19
CA PRO A 535 -3.73 -24.94 -23.22
C PRO A 535 -3.36 -24.00 -22.07
N GLU A 536 -4.35 -23.26 -21.59
CA GLU A 536 -4.09 -22.29 -20.53
C GLU A 536 -4.11 -22.97 -19.17
N TYR A 537 -3.85 -22.19 -18.13
CA TYR A 537 -3.89 -22.75 -16.79
C TYR A 537 -5.33 -22.83 -16.31
N ASP A 538 -5.61 -23.85 -15.48
CA ASP A 538 -6.97 -24.09 -15.05
C ASP A 538 -7.25 -23.17 -13.87
N ARG A 539 -8.29 -22.37 -14.04
CA ARG A 539 -8.54 -21.25 -13.18
C ARG A 539 -9.08 -21.66 -11.81
N ARG A 540 -9.47 -22.94 -11.66
CA ARG A 540 -9.97 -23.44 -10.36
C ARG A 540 -8.90 -23.45 -9.28
N PHE A 541 -7.62 -23.47 -9.65
CA PHE A 541 -6.51 -23.61 -8.70
C PHE A 541 -6.11 -22.27 -8.14
N VAL A 542 -6.90 -21.77 -7.18
CA VAL A 542 -6.46 -20.59 -6.42
C VAL A 542 -5.50 -21.03 -5.32
N GLY A 543 -4.66 -20.10 -4.88
CA GLY A 543 -3.62 -20.41 -3.93
C GLY A 543 -2.61 -21.38 -4.54
N PHE A 544 -1.57 -21.69 -3.79
CA PHE A 544 -0.51 -22.58 -4.28
C PHE A 544 -0.76 -24.05 -3.96
N GLY A 545 -0.68 -24.88 -5.00
CA GLY A 545 -0.99 -26.31 -4.95
C GLY A 545 -0.57 -27.00 -6.25
N TRP A 546 -1.47 -27.78 -6.86
CA TRP A 546 -1.21 -28.54 -8.09
C TRP A 546 -1.51 -27.74 -9.35
N ASN A 547 -1.22 -26.44 -9.35
CA ASN A 547 -1.56 -25.60 -10.48
C ASN A 547 -0.79 -26.05 -11.72
N LYS A 548 0.54 -26.08 -11.62
CA LYS A 548 1.38 -26.45 -12.74
C LYS A 548 1.28 -27.93 -13.05
N VAL A 549 1.14 -28.77 -12.01
CA VAL A 549 1.02 -30.20 -12.25
C VAL A 549 -0.12 -30.45 -13.22
N ALA A 550 -1.25 -29.78 -12.95
CA ALA A 550 -2.41 -29.90 -13.83
C ALA A 550 -2.13 -29.33 -15.22
N HIS A 551 -1.43 -28.19 -15.30
CA HIS A 551 -1.15 -27.67 -16.63
C HIS A 551 -0.31 -28.66 -17.46
N ILE A 552 0.76 -29.19 -16.86
CA ILE A 552 1.65 -30.11 -17.55
C ILE A 552 0.89 -31.38 -17.92
N MET A 553 -0.01 -31.79 -17.04
CA MET A 553 -0.85 -32.94 -17.28
C MET A 553 -1.74 -32.72 -18.51
N GLU A 554 -2.28 -31.50 -18.66
CA GLU A 554 -2.99 -31.14 -19.90
C GLU A 554 -2.09 -31.21 -21.11
N LEU A 555 -0.83 -30.77 -20.99
CA LEU A 555 0.06 -30.87 -22.15
C LEU A 555 0.26 -32.32 -22.54
N ASP A 556 0.32 -33.21 -21.55
CA ASP A 556 0.61 -34.59 -21.84
C ASP A 556 -0.60 -35.30 -22.48
N VAL A 557 -1.84 -34.97 -22.06
CA VAL A 557 -3.00 -35.59 -22.72
C VAL A 557 -3.17 -35.08 -24.14
N GLN A 558 -2.89 -33.80 -24.37
CA GLN A 558 -2.96 -33.33 -25.75
C GLN A 558 -1.71 -33.70 -26.54
N GLU A 559 -0.88 -34.60 -26.01
CA GLU A 559 0.22 -35.22 -26.74
C GLU A 559 1.34 -34.26 -27.11
N TYR A 560 1.63 -33.24 -26.29
CA TYR A 560 2.89 -32.53 -26.48
C TYR A 560 4.07 -33.37 -25.99
N GLU A 561 5.18 -33.29 -26.72
CA GLU A 561 6.39 -34.00 -26.34
C GLU A 561 7.23 -33.13 -25.41
N PHE A 562 7.78 -33.75 -24.38
CA PHE A 562 8.67 -33.05 -23.47
C PHE A 562 10.10 -33.30 -23.93
N ILE A 563 10.76 -32.24 -24.37
CA ILE A 563 12.13 -32.29 -24.85
C ILE A 563 12.99 -31.46 -23.90
N VAL A 564 14.05 -32.07 -23.36
CA VAL A 564 15.02 -31.37 -22.51
C VAL A 564 16.11 -30.78 -23.39
N LEU A 565 16.43 -29.51 -23.17
CA LEU A 565 17.48 -28.82 -23.90
C LEU A 565 18.81 -29.05 -23.20
N PRO A 566 19.85 -29.51 -23.90
CA PRO A 566 21.10 -29.89 -23.20
C PRO A 566 21.92 -28.70 -22.72
N ASN A 567 21.63 -27.48 -23.18
CA ASN A 567 22.50 -26.33 -22.91
C ASN A 567 21.72 -25.16 -22.30
N ALA A 568 20.51 -25.40 -21.80
CA ALA A 568 19.69 -24.36 -21.22
C ALA A 568 19.63 -24.60 -19.72
N TYR A 569 19.44 -23.52 -18.95
CA TYR A 569 19.42 -23.65 -17.50
C TYR A 569 19.04 -22.29 -16.90
N MET A 570 18.50 -22.32 -15.69
CA MET A 570 18.10 -21.10 -14.98
C MET A 570 18.17 -21.37 -13.50
N ILE A 571 18.38 -20.32 -12.71
CA ILE A 571 18.79 -20.50 -11.33
C ILE A 571 17.88 -19.75 -10.37
N HIS A 572 17.46 -20.46 -9.30
CA HIS A 572 16.58 -19.91 -8.28
C HIS A 572 17.42 -19.13 -7.29
N MET A 573 17.11 -17.86 -7.15
CA MET A 573 17.80 -16.97 -6.22
C MET A 573 17.07 -16.94 -4.88
N PRO A 574 17.79 -17.05 -3.76
CA PRO A 574 17.12 -17.01 -2.46
C PRO A 574 16.51 -15.64 -2.21
N HIS A 575 15.37 -15.63 -1.53
CA HIS A 575 14.64 -14.40 -1.27
C HIS A 575 13.86 -14.54 0.03
N ALA A 576 13.55 -13.40 0.64
CA ALA A 576 12.68 -13.45 1.81
C ALA A 576 11.32 -14.01 1.42
N PRO A 577 10.67 -14.74 2.32
CA PRO A 577 9.33 -15.26 2.02
C PRO A 577 8.29 -14.16 1.89
N SER A 578 7.18 -14.53 1.27
CA SER A 578 6.05 -13.63 1.00
C SER A 578 5.01 -13.89 2.09
N PHE A 579 3.76 -13.53 1.83
CA PHE A 579 2.75 -13.87 2.82
C PHE A 579 2.03 -15.18 2.51
N ASP A 580 2.45 -15.92 1.48
CA ASP A 580 2.00 -17.30 1.38
C ASP A 580 2.29 -18.05 2.68
N ILE A 581 3.38 -17.68 3.36
CA ILE A 581 3.84 -18.28 4.61
C ILE A 581 2.76 -18.20 5.69
N THR A 582 1.84 -17.23 5.57
CA THR A 582 0.77 -17.12 6.56
C THR A 582 -0.38 -18.08 6.27
N LYS A 583 -0.62 -18.37 5.01
CA LYS A 583 -1.88 -18.98 4.59
C LYS A 583 -1.86 -20.50 4.75
N PHE A 584 -0.68 -21.11 4.82
CA PHE A 584 -0.50 -22.51 4.45
C PHE A 584 -0.04 -23.34 5.67
N ASN A 587 -3.81 -22.85 7.31
CA ASN A 587 -4.88 -23.61 7.94
C ASN A 587 -4.94 -25.02 7.34
N LYS A 588 -5.19 -26.00 8.21
CA LYS A 588 -5.43 -27.38 7.81
C LYS A 588 -6.43 -27.46 6.65
N GLN A 589 -7.58 -26.81 6.82
CA GLN A 589 -8.63 -26.81 5.80
C GLN A 589 -8.10 -26.35 4.46
N TYR A 590 -7.08 -25.51 4.46
CA TYR A 590 -6.49 -25.04 3.20
C TYR A 590 -5.76 -26.18 2.50
N ARG A 591 -5.06 -27.02 3.28
CA ARG A 591 -4.45 -28.23 2.72
C ARG A 591 -5.51 -29.19 2.19
N ILE A 592 -6.56 -29.42 2.98
CA ILE A 592 -7.62 -30.33 2.53
C ILE A 592 -8.22 -29.82 1.22
N CYS A 593 -8.50 -28.52 1.14
CA CYS A 593 -9.17 -27.97 -0.04
C CYS A 593 -8.28 -28.04 -1.27
N LEU A 594 -6.98 -27.79 -1.11
CA LEU A 594 -6.10 -27.94 -2.26
C LEU A 594 -6.11 -29.37 -2.78
N LYS A 595 -6.06 -30.36 -1.88
CA LYS A 595 -6.11 -31.75 -2.37
C LYS A 595 -7.46 -32.04 -3.02
N THR A 596 -8.54 -31.41 -2.52
CA THR A 596 -9.85 -31.64 -3.12
C THR A 596 -9.91 -31.07 -4.53
N LEU A 597 -9.28 -29.91 -4.73
CA LEU A 597 -9.23 -29.31 -6.06
C LEU A 597 -8.46 -30.17 -7.04
N LYS A 598 -7.32 -30.74 -6.61
CA LYS A 598 -6.63 -31.72 -7.44
C LYS A 598 -7.54 -32.87 -7.84
N GLU A 599 -8.27 -33.43 -6.86
CA GLU A 599 -9.18 -34.55 -7.16
C GLU A 599 -10.21 -34.16 -8.21
N GLU A 600 -10.86 -33.02 -8.00
CA GLU A 600 -11.87 -32.55 -8.94
C GLU A 600 -11.29 -32.28 -10.33
N PHE A 601 -10.03 -31.84 -10.39
CA PHE A 601 -9.41 -31.68 -11.70
C PHE A 601 -9.29 -33.02 -12.41
N GLN A 602 -8.72 -34.02 -11.73
CA GLN A 602 -8.62 -35.35 -12.34
C GLN A 602 -9.98 -35.89 -12.74
N GLN A 603 -11.03 -35.55 -12.01
CA GLN A 603 -12.34 -36.08 -12.33
C GLN A 603 -12.91 -35.41 -13.58
N ASP A 604 -12.81 -34.08 -13.65
CA ASP A 604 -13.23 -33.40 -14.88
C ASP A 604 -12.36 -33.83 -16.06
N MET A 605 -11.11 -34.20 -15.81
CA MET A 605 -10.26 -34.68 -16.90
C MET A 605 -10.70 -36.05 -17.37
N SER A 606 -10.98 -36.96 -16.45
CA SER A 606 -11.50 -38.24 -16.87
C SER A 606 -12.80 -38.06 -17.67
N ARG A 607 -13.60 -37.05 -17.32
CA ARG A 607 -14.82 -36.89 -18.10
C ARG A 607 -14.53 -36.30 -19.48
N ARG A 608 -13.61 -35.34 -19.57
CA ARG A 608 -13.43 -34.62 -20.83
C ARG A 608 -12.73 -35.48 -21.88
N TYR A 609 -11.75 -36.28 -21.48
CA TYR A 609 -10.91 -37.00 -22.42
C TYR A 609 -11.30 -38.48 -22.54
N GLY A 610 -11.22 -39.23 -21.46
CA GLY A 610 -11.56 -40.65 -21.48
C GLY A 610 -10.45 -41.53 -20.96
N PHE A 611 -10.31 -42.74 -21.55
CA PHE A 611 -9.31 -43.70 -21.05
C PHE A 611 -7.89 -43.14 -21.07
N ALA A 612 -7.57 -42.23 -22.00
CA ALA A 612 -6.23 -41.64 -22.00
C ALA A 612 -5.95 -40.95 -20.68
N ALA A 613 -6.98 -40.46 -19.99
CA ALA A 613 -6.78 -39.81 -18.70
C ALA A 613 -6.39 -40.81 -17.60
N LEU A 614 -6.79 -42.09 -17.75
CA LEU A 614 -6.61 -43.05 -16.66
C LEU A 614 -5.16 -43.23 -16.27
N LYS A 615 -4.24 -43.17 -17.24
CA LYS A 615 -2.83 -43.35 -16.90
C LYS A 615 -2.30 -42.28 -15.97
N TYR A 616 -3.03 -41.17 -15.78
CA TYR A 616 -2.53 -40.19 -14.84
C TYR A 616 -3.11 -40.39 -13.46
N LEU A 617 -4.23 -41.10 -13.38
CA LEU A 617 -4.81 -41.38 -12.08
C LEU A 617 -4.06 -42.51 -11.40
N THR A 618 -3.61 -43.50 -12.19
CA THR A 618 -2.91 -44.66 -11.66
C THR A 618 -1.61 -44.27 -10.94
N ALA A 619 -1.11 -43.06 -11.16
CA ALA A 619 0.09 -42.57 -10.47
C ALA A 619 -0.09 -42.52 -8.94
N LYS B 1 -19.93 26.92 9.00
CA LYS B 1 -18.74 27.76 8.81
C LYS B 1 -17.51 26.88 8.98
N CYS B 2 -16.41 27.45 9.48
CA CYS B 2 -15.27 26.70 9.99
C CYS B 2 -15.40 26.35 11.47
N GLU B 3 -16.63 26.19 11.97
CA GLU B 3 -16.81 25.82 13.36
C GLU B 3 -16.16 24.48 13.64
N THR B 4 -15.60 24.34 14.84
CA THR B 4 -14.91 23.12 15.22
C THR B 4 -15.92 22.10 15.71
N ILE B 5 -15.76 20.86 15.24
CA ILE B 5 -16.63 19.75 15.61
C ILE B 5 -15.94 18.93 16.70
N HIS B 6 -16.67 18.66 17.78
CA HIS B 6 -16.15 18.06 19.01
C HIS B 6 -16.57 16.60 19.14
N VAL B 7 -15.59 15.72 19.29
CA VAL B 7 -15.82 14.28 19.30
C VAL B 7 -15.20 13.68 20.55
N ALA B 8 -16.00 12.98 21.33
CA ALA B 8 -15.55 12.36 22.57
C ALA B 8 -15.49 10.85 22.39
N ILE B 9 -14.36 10.27 22.77
CA ILE B 9 -14.14 8.83 22.63
C ILE B 9 -13.51 8.29 23.91
N VAL B 10 -14.02 7.16 24.37
CA VAL B 10 -13.44 6.44 25.49
C VAL B 10 -12.60 5.31 24.91
N CYS B 11 -11.33 5.26 25.31
CA CYS B 11 -10.43 4.25 24.73
C CYS B 11 -9.42 3.80 25.76
N ALA B 12 -9.36 2.50 26.00
CA ALA B 12 -8.43 1.90 26.96
C ALA B 12 -7.72 0.71 26.34
N GLY B 13 -6.39 0.70 26.42
CA GLY B 13 -5.63 -0.45 25.97
C GLY B 13 -5.05 -0.31 24.57
N TYR B 14 -4.45 -1.41 24.13
CA TYR B 14 -3.77 -1.48 22.84
C TYR B 14 -4.75 -1.62 21.68
N ASN B 15 -5.66 -2.60 21.75
CA ASN B 15 -6.62 -2.80 20.67
C ASN B 15 -7.45 -1.54 20.42
N ALA B 16 -7.96 -0.93 21.49
CA ALA B 16 -8.72 0.30 21.32
C ALA B 16 -7.89 1.38 20.66
N SER B 17 -6.59 1.40 20.92
CA SER B 17 -5.72 2.43 20.34
C SER B 17 -5.64 2.27 18.84
N ARG B 18 -5.39 1.04 18.38
CA ARG B 18 -5.45 0.75 16.95
C ARG B 18 -6.79 1.16 16.36
N ASP B 19 -7.88 0.70 16.99
CA ASP B 19 -9.22 0.91 16.45
C ASP B 19 -9.56 2.39 16.35
N VAL B 20 -9.14 3.17 17.35
CA VAL B 20 -9.45 4.59 17.31
C VAL B 20 -8.65 5.25 16.20
N VAL B 21 -7.43 4.77 15.93
CA VAL B 21 -6.70 5.29 14.77
C VAL B 21 -7.50 5.06 13.50
N THR B 22 -8.09 3.87 13.37
CA THR B 22 -8.84 3.56 12.16
C THR B 22 -10.09 4.44 12.03
N LEU B 23 -10.82 4.58 13.12
CA LEU B 23 -11.96 5.51 13.14
C LEU B 23 -11.53 6.88 12.68
N VAL B 24 -10.41 7.38 13.22
CA VAL B 24 -10.02 8.75 12.95
C VAL B 24 -9.61 8.91 11.49
N LYS B 25 -8.95 7.90 10.92
CA LYS B 25 -8.69 7.95 9.47
C LYS B 25 -9.98 8.11 8.70
N SER B 26 -11.03 7.42 9.12
CA SER B 26 -12.34 7.45 8.41
C SER B 26 -12.96 8.85 8.45
N VAL B 27 -12.93 9.46 9.62
CA VAL B 27 -13.52 10.83 9.78
C VAL B 27 -12.72 11.84 8.95
N LEU B 28 -11.41 11.76 9.00
CA LEU B 28 -10.53 12.76 8.32
C LEU B 28 -10.67 12.72 6.80
N PHE B 29 -10.86 11.55 6.21
CA PHE B 29 -10.90 11.45 4.73
C PHE B 29 -12.04 12.31 4.19
N HIS B 30 -13.19 12.29 4.83
CA HIS B 30 -14.37 13.02 4.32
C HIS B 30 -14.59 14.34 5.06
N ARG B 31 -13.75 14.66 6.03
CA ARG B 31 -14.00 15.86 6.85
C ARG B 31 -13.73 17.13 6.06
N ARG B 32 -14.41 18.22 6.42
CA ARG B 32 -14.15 19.52 5.80
C ARG B 32 -14.14 20.63 6.86
N ASN B 33 -14.09 20.31 8.15
CA ASN B 33 -14.14 21.22 9.28
C ASN B 33 -13.01 20.91 10.26
N PRO B 34 -12.65 21.85 11.12
CA PRO B 34 -11.69 21.54 12.19
C PRO B 34 -12.30 20.53 13.14
N LEU B 35 -11.44 19.76 13.81
CA LEU B 35 -11.88 18.69 14.68
C LEU B 35 -11.17 18.80 16.03
N HIS B 36 -11.91 18.47 17.09
CA HIS B 36 -11.36 18.49 18.44
C HIS B 36 -11.78 17.18 19.11
N PHE B 37 -10.80 16.32 19.33
CA PHE B 37 -11.02 15.00 19.92
C PHE B 37 -10.77 15.10 21.41
N HIS B 38 -11.72 14.61 22.19
CA HIS B 38 -11.65 14.52 23.64
C HIS B 38 -11.55 13.03 23.94
N LEU B 39 -10.34 12.58 24.20
CA LEU B 39 -10.08 11.16 24.40
C LEU B 39 -10.02 10.92 25.91
N ILE B 40 -11.00 10.17 26.41
CA ILE B 40 -11.03 9.72 27.78
C ILE B 40 -10.31 8.37 27.78
N ALA B 41 -9.09 8.35 28.30
CA ALA B 41 -8.17 7.25 28.05
C ALA B 41 -7.53 6.75 29.34
N ASP B 42 -7.28 5.45 29.38
CA ASP B 42 -6.38 4.94 30.41
C ASP B 42 -4.95 5.33 30.06
N SER B 43 -4.02 4.94 30.95
CA SER B 43 -2.62 5.33 30.79
C SER B 43 -2.00 4.76 29.52
N ILE B 44 -2.32 3.50 29.19
CA ILE B 44 -1.79 2.87 27.98
C ILE B 44 -2.23 3.63 26.73
N ALA B 45 -3.55 3.79 26.58
CA ALA B 45 -4.05 4.52 25.43
C ALA B 45 -3.54 5.94 25.43
N GLU B 46 -3.45 6.57 26.60
CA GLU B 46 -3.00 7.95 26.65
C GLU B 46 -1.58 8.08 26.10
N GLN B 47 -0.68 7.21 26.53
CA GLN B 47 0.69 7.23 26.00
C GLN B 47 0.71 7.00 24.49
N ILE B 48 0.11 5.88 24.05
CA ILE B 48 0.17 5.50 22.64
C ILE B 48 -0.40 6.62 21.78
N LEU B 49 -1.65 7.00 22.05
CA LEU B 49 -2.34 7.97 21.22
C LEU B 49 -1.75 9.36 21.37
N ALA B 50 -1.17 9.69 22.52
CA ALA B 50 -0.55 11.00 22.67
C ALA B 50 0.61 11.14 21.70
N THR B 51 1.55 10.19 21.77
CA THR B 51 2.65 10.23 20.81
C THR B 51 2.14 10.17 19.38
N LEU B 52 1.14 9.31 19.13
CA LEU B 52 0.65 9.15 17.77
C LEU B 52 0.17 10.47 17.20
N PHE B 53 -0.65 11.19 17.95
CA PHE B 53 -1.22 12.42 17.41
C PHE B 53 -0.20 13.54 17.39
N GLN B 54 0.77 13.51 18.29
CA GLN B 54 1.84 14.50 18.24
C GLN B 54 2.58 14.37 16.91
N THR B 55 3.04 13.16 16.61
CA THR B 55 3.84 12.90 15.40
C THR B 55 3.00 12.92 14.13
N TRP B 56 1.69 12.73 14.23
CA TRP B 56 0.87 12.72 13.02
C TRP B 56 0.83 14.11 12.40
N MET B 57 0.72 15.14 13.25
CA MET B 57 0.72 16.54 12.79
C MET B 57 -0.44 16.85 11.84
N VAL B 58 -1.62 16.35 12.16
CA VAL B 58 -2.76 16.62 11.29
C VAL B 58 -3.18 18.09 11.46
N PRO B 59 -3.30 18.85 10.37
CA PRO B 59 -3.75 20.25 10.51
C PRO B 59 -5.15 20.32 11.09
N ALA B 60 -5.43 21.42 11.79
CA ALA B 60 -6.78 21.75 12.25
C ALA B 60 -7.39 20.64 13.11
N VAL B 61 -6.56 19.87 13.82
CA VAL B 61 -7.07 18.84 14.71
C VAL B 61 -6.44 19.03 16.07
N ARG B 62 -7.26 19.31 17.07
CA ARG B 62 -6.82 19.39 18.46
C ARG B 62 -7.20 18.10 19.19
N VAL B 63 -6.36 17.67 20.13
CA VAL B 63 -6.60 16.45 20.90
C VAL B 63 -6.35 16.73 22.38
N ASP B 64 -7.38 16.55 23.21
CA ASP B 64 -7.25 16.66 24.65
C ASP B 64 -7.47 15.30 25.30
N PHE B 65 -6.66 15.00 26.31
CA PHE B 65 -6.74 13.72 27.00
C PHE B 65 -7.31 13.92 28.40
N TYR B 66 -8.15 12.97 28.82
CA TYR B 66 -8.75 13.02 30.14
C TYR B 66 -8.51 11.67 30.77
N ASN B 67 -7.95 11.69 31.99
CA ASN B 67 -7.56 10.46 32.66
C ASN B 67 -8.79 9.65 33.03
N ALA B 68 -8.94 8.48 32.40
CA ALA B 68 -10.09 7.62 32.65
C ALA B 68 -9.99 6.90 33.98
N ASP B 69 -8.79 6.60 34.46
CA ASP B 69 -8.68 5.86 35.70
C ASP B 69 -9.28 6.68 36.84
N GLU B 70 -9.03 7.98 36.82
CA GLU B 70 -9.58 8.94 37.76
C GLU B 70 -11.03 9.10 37.65
N LEU B 71 -11.63 8.39 36.71
CA LEU B 71 -13.08 8.38 36.59
C LEU B 71 -13.76 7.11 37.05
N LYS B 72 -13.03 6.02 37.32
CA LYS B 72 -13.73 4.77 37.65
C LYS B 72 -14.61 4.92 38.90
N SER B 73 -14.14 5.70 39.88
CA SER B 73 -14.91 5.87 41.10
C SER B 73 -16.28 6.49 40.87
N GLU B 74 -16.54 7.06 39.69
CA GLU B 74 -17.84 7.64 39.39
C GLU B 74 -18.87 6.61 38.94
N VAL B 75 -18.43 5.45 38.45
CA VAL B 75 -19.33 4.46 37.86
C VAL B 75 -19.04 3.05 38.35
N SER B 76 -18.07 2.87 39.25
CA SER B 76 -17.65 1.54 39.68
C SER B 76 -18.70 0.83 40.52
N TRP B 77 -19.68 1.57 41.07
CA TRP B 77 -20.77 0.95 41.82
C TRP B 77 -21.77 0.23 40.94
N ILE B 78 -21.78 0.45 39.65
CA ILE B 78 -22.73 -0.16 38.72
C ILE B 78 -22.12 -1.49 38.23
N PRO B 79 -22.66 -2.63 38.61
CA PRO B 79 -22.05 -3.91 38.23
C PRO B 79 -22.23 -4.24 36.74
N ASN B 80 -21.21 -4.91 36.18
CA ASN B 80 -21.15 -5.25 34.77
C ASN B 80 -20.81 -6.72 34.58
N LYS B 81 -21.29 -7.31 33.48
CA LYS B 81 -20.85 -8.68 33.18
C LYS B 81 -19.38 -8.72 32.77
N HIS B 82 -18.91 -7.72 32.01
CA HIS B 82 -17.51 -7.60 31.63
C HIS B 82 -16.91 -6.38 32.32
N TYR B 83 -15.75 -6.57 32.93
CA TYR B 83 -15.07 -5.46 33.59
C TYR B 83 -14.87 -4.29 32.64
N SER B 84 -14.53 -4.56 31.37
CA SER B 84 -14.39 -3.50 30.37
C SER B 84 -15.63 -2.61 30.33
N GLY B 85 -16.79 -3.13 30.76
CA GLY B 85 -18.00 -2.35 30.77
C GLY B 85 -17.88 -1.04 31.54
N ILE B 86 -16.98 -1.00 32.53
CA ILE B 86 -16.82 0.25 33.29
C ILE B 86 -16.47 1.40 32.36
N TYR B 87 -15.65 1.12 31.34
CA TYR B 87 -15.29 2.19 30.41
C TYR B 87 -16.51 2.67 29.64
N GLY B 88 -17.39 1.76 29.24
CA GLY B 88 -18.67 2.18 28.68
C GLY B 88 -19.43 3.12 29.61
N LEU B 89 -19.50 2.75 30.90
CA LEU B 89 -20.26 3.55 31.85
C LEU B 89 -19.80 4.99 31.85
N MET B 90 -18.54 5.23 31.48
CA MET B 90 -18.01 6.57 31.64
C MET B 90 -18.68 7.59 30.75
N LYS B 91 -19.34 7.15 29.65
CA LYS B 91 -20.07 8.13 28.84
C LYS B 91 -21.09 8.89 29.68
N LEU B 92 -21.70 8.20 30.66
CA LEU B 92 -22.73 8.82 31.48
C LEU B 92 -22.23 10.08 32.15
N VAL B 93 -20.92 10.18 32.38
CA VAL B 93 -20.39 11.29 33.17
C VAL B 93 -19.61 12.28 32.31
N LEU B 94 -19.76 12.23 30.98
CA LEU B 94 -19.02 13.17 30.14
C LEU B 94 -19.33 14.62 30.53
N THR B 95 -20.61 14.90 30.83
CA THR B 95 -21.03 16.23 31.25
C THR B 95 -20.20 16.76 32.41
N LYS B 96 -19.66 15.88 33.23
CA LYS B 96 -18.82 16.34 34.34
C LYS B 96 -17.40 16.61 33.89
N THR B 97 -16.81 15.72 33.09
CA THR B 97 -15.38 15.81 32.83
C THR B 97 -15.05 16.75 31.67
N LEU B 98 -15.95 16.87 30.70
CA LEU B 98 -15.70 17.77 29.58
C LEU B 98 -15.72 19.22 30.04
N PRO B 99 -15.03 20.11 29.32
CA PRO B 99 -14.93 21.51 29.76
C PRO B 99 -16.31 22.18 29.82
N ALA B 100 -16.43 23.16 30.71
CA ALA B 100 -17.73 23.78 30.95
C ALA B 100 -18.22 24.56 29.73
N ASN B 101 -17.30 25.19 29.00
CA ASN B 101 -17.67 25.96 27.81
C ASN B 101 -18.18 25.10 26.65
N LEU B 102 -18.03 23.77 26.71
CA LEU B 102 -18.37 22.93 25.56
C LEU B 102 -19.86 22.65 25.56
N GLU B 103 -20.55 23.14 24.52
CA GLU B 103 -22.00 23.11 24.48
C GLU B 103 -22.54 21.77 23.95
N ARG B 104 -21.93 21.23 22.89
CA ARG B 104 -22.41 19.99 22.29
C ARG B 104 -21.22 19.13 21.86
N VAL B 105 -21.39 17.81 21.92
CA VAL B 105 -20.35 16.87 21.50
C VAL B 105 -21.02 15.65 20.84
N ILE B 106 -20.25 14.96 20.01
CA ILE B 106 -20.61 13.65 19.47
C ILE B 106 -19.74 12.61 20.16
N VAL B 107 -20.36 11.61 20.77
CA VAL B 107 -19.64 10.51 21.41
C VAL B 107 -19.61 9.33 20.46
N LEU B 108 -18.45 8.70 20.32
CA LEU B 108 -18.32 7.54 19.44
C LEU B 108 -17.59 6.42 20.16
N ASP B 109 -17.94 5.17 19.82
CA ASP B 109 -17.14 4.03 20.24
C ASP B 109 -16.05 3.76 19.21
N THR B 110 -15.05 2.98 19.65
CA THR B 110 -13.86 2.74 18.84
C THR B 110 -14.17 1.88 17.60
N ASP B 111 -15.23 1.10 17.61
CA ASP B 111 -15.58 0.25 16.49
C ASP B 111 -16.55 0.93 15.51
N ILE B 112 -16.53 2.26 15.47
CA ILE B 112 -17.32 3.05 14.52
C ILE B 112 -16.44 3.44 13.35
N THR B 113 -17.02 3.41 12.14
CA THR B 113 -16.37 3.84 10.92
C THR B 113 -17.24 4.90 10.24
N PHE B 114 -16.65 6.03 9.85
CA PHE B 114 -17.43 6.97 9.06
C PHE B 114 -17.32 6.73 7.56
N ALA B 115 -18.46 6.89 6.89
CA ALA B 115 -18.56 6.80 5.45
C ALA B 115 -18.92 8.14 4.80
N THR B 116 -19.19 9.18 5.58
CA THR B 116 -19.48 10.50 5.04
C THR B 116 -18.81 11.58 5.87
N ASP B 117 -19.05 12.83 5.47
CA ASP B 117 -18.62 14.01 6.20
C ASP B 117 -19.34 14.09 7.55
N ILE B 118 -18.58 14.35 8.62
CA ILE B 118 -19.15 14.42 9.96
C ILE B 118 -19.95 15.71 10.20
N ALA B 119 -19.79 16.70 9.32
CA ALA B 119 -20.54 17.93 9.51
C ALA B 119 -22.04 17.70 9.41
N GLU B 120 -22.46 16.67 8.66
CA GLU B 120 -23.89 16.37 8.52
C GLU B 120 -24.49 15.89 9.83
N LEU B 121 -23.83 14.90 10.45
CA LEU B 121 -24.24 14.44 11.76
C LEU B 121 -24.20 15.58 12.78
N TRP B 122 -23.16 16.40 12.74
CA TRP B 122 -23.09 17.54 13.64
C TRP B 122 -24.25 18.50 13.41
N ALA B 123 -24.64 18.68 12.15
CA ALA B 123 -25.72 19.59 11.81
C ALA B 123 -27.06 19.07 12.31
N VAL B 124 -27.18 17.75 12.45
CA VAL B 124 -28.43 17.20 12.98
C VAL B 124 -28.80 17.81 14.34
N PHE B 125 -27.82 18.29 15.11
CA PHE B 125 -28.12 18.95 16.39
C PHE B 125 -29.14 20.09 16.26
N HIS B 126 -29.17 20.76 15.12
CA HIS B 126 -30.04 21.91 15.02
C HIS B 126 -31.51 21.51 14.99
N LYS B 127 -31.81 20.27 14.60
CA LYS B 127 -33.19 19.81 14.60
C LYS B 127 -33.70 19.43 15.99
N PHE B 128 -32.87 19.46 17.03
CA PHE B 128 -33.38 19.17 18.37
C PHE B 128 -34.32 20.28 18.83
N LYS B 129 -35.25 19.90 19.71
CA LYS B 129 -36.36 20.77 20.10
C LYS B 129 -36.66 20.56 21.58
N GLY B 130 -36.91 21.66 22.28
CA GLY B 130 -37.34 21.59 23.67
C GLY B 130 -36.38 20.80 24.53
N GLN B 131 -36.92 19.89 25.32
CA GLN B 131 -36.13 19.15 26.29
C GLN B 131 -35.33 17.99 25.70
N GLN B 132 -35.28 17.90 24.36
CA GLN B 132 -34.40 16.93 23.71
C GLN B 132 -32.93 17.30 23.91
N VAL B 133 -32.14 16.33 24.35
CA VAL B 133 -30.74 16.56 24.68
C VAL B 133 -29.87 15.38 24.22
N LEU B 134 -30.52 14.25 23.92
CA LEU B 134 -29.83 13.03 23.53
C LEU B 134 -30.19 12.67 22.09
N GLY B 135 -29.17 12.42 21.26
CA GLY B 135 -29.41 11.95 19.91
C GLY B 135 -28.88 10.54 19.74
N LEU B 136 -29.76 9.59 19.43
CA LEU B 136 -29.40 8.19 19.35
C LEU B 136 -30.15 7.50 18.21
N VAL B 137 -29.55 6.44 17.69
CA VAL B 137 -30.15 5.59 16.66
C VAL B 137 -30.81 4.40 17.35
N GLU B 138 -32.00 4.03 16.87
CA GLU B 138 -32.67 2.85 17.40
C GLU B 138 -31.73 1.65 17.41
N ASN B 139 -31.88 0.81 18.43
CA ASN B 139 -31.12 -0.43 18.50
C ASN B 139 -31.69 -1.38 17.46
N GLN B 140 -30.92 -1.68 16.43
CA GLN B 140 -31.44 -2.45 15.30
C GLN B 140 -31.53 -3.94 15.62
N SER B 141 -30.94 -4.39 16.72
CA SER B 141 -31.12 -5.74 17.22
C SER B 141 -32.43 -5.86 18.02
N ASP B 142 -32.94 -7.09 18.10
CA ASP B 142 -34.16 -7.32 18.89
C ASP B 142 -33.86 -7.69 20.34
N TRP B 143 -32.75 -7.20 20.89
CA TRP B 143 -32.34 -7.55 22.24
C TRP B 143 -33.39 -7.15 23.27
N TYR B 144 -33.90 -5.92 23.18
CA TYR B 144 -34.84 -5.41 24.17
C TYR B 144 -36.27 -5.90 23.94
N LEU B 145 -36.52 -6.61 22.85
CA LEU B 145 -37.84 -7.11 22.57
C LEU B 145 -38.05 -8.56 23.04
N GLY B 146 -37.05 -9.18 23.64
CA GLY B 146 -37.19 -10.57 24.06
C GLY B 146 -36.04 -11.14 24.85
N PRO B 154 -33.43 -9.06 30.60
CA PRO B 154 -33.29 -7.91 29.70
C PRO B 154 -33.83 -6.62 30.33
N TRP B 155 -32.99 -5.60 30.36
CA TRP B 155 -33.32 -4.32 30.99
C TRP B 155 -34.46 -3.61 30.27
N PRO B 156 -35.18 -2.74 31.00
CA PRO B 156 -36.26 -1.98 30.35
C PRO B 156 -35.74 -1.08 29.26
N ALA B 157 -36.58 -0.88 28.24
CA ALA B 157 -36.22 0.05 27.18
C ALA B 157 -37.50 0.60 26.59
N LEU B 158 -37.35 1.69 25.85
CA LEU B 158 -38.45 2.36 25.16
C LEU B 158 -38.56 1.71 23.78
N GLY B 159 -39.53 0.81 23.64
CA GLY B 159 -39.74 0.10 22.39
C GLY B 159 -38.58 -0.85 22.13
N ARG B 160 -38.00 -0.77 20.93
CA ARG B 160 -36.80 -1.55 20.64
C ARG B 160 -35.57 -1.03 21.39
N GLY B 161 -35.59 0.22 21.85
CA GLY B 161 -34.46 0.80 22.56
C GLY B 161 -33.45 1.46 21.65
N TYR B 162 -32.32 1.88 22.25
CA TYR B 162 -31.33 2.59 21.45
C TYR B 162 -29.93 2.08 21.64
N ASN B 163 -29.17 2.15 20.56
CA ASN B 163 -27.77 1.80 20.52
C ASN B 163 -26.92 3.03 20.86
N THR B 164 -25.96 2.86 21.76
CA THR B 164 -25.13 3.95 22.27
C THR B 164 -23.74 3.98 21.67
N GLY B 165 -23.53 3.30 20.55
CA GLY B 165 -22.24 3.41 19.86
C GLY B 165 -22.01 4.80 19.30
N VAL B 166 -23.08 5.54 19.05
CA VAL B 166 -23.03 6.90 18.51
C VAL B 166 -24.04 7.71 19.29
N ILE B 167 -23.58 8.73 19.99
CA ILE B 167 -24.46 9.54 20.82
C ILE B 167 -24.21 11.00 20.52
N LEU B 168 -25.26 11.80 20.50
CA LEU B 168 -25.13 13.24 20.36
C LEU B 168 -25.60 13.88 21.65
N LEU B 169 -24.74 14.68 22.29
CA LEU B 169 -25.05 15.27 23.58
C LEU B 169 -25.07 16.79 23.46
N LEU B 170 -26.16 17.40 23.91
CA LEU B 170 -26.22 18.82 24.20
C LEU B 170 -25.74 19.02 25.63
N LEU B 171 -24.46 19.37 25.79
CA LEU B 171 -23.88 19.41 27.12
C LEU B 171 -24.51 20.51 27.97
N ASP B 172 -24.77 21.69 27.39
CA ASP B 172 -25.35 22.77 28.20
C ASP B 172 -26.69 22.35 28.78
N LYS B 173 -27.59 21.87 27.92
CA LYS B 173 -28.92 21.47 28.40
C LYS B 173 -28.84 20.33 29.41
N LEU B 174 -27.98 19.34 29.17
CA LEU B 174 -27.82 18.25 30.13
C LEU B 174 -27.36 18.77 31.48
N ARG B 175 -26.46 19.75 31.50
CA ARG B 175 -26.02 20.34 32.77
C ARG B 175 -27.14 21.11 33.44
N LYS B 176 -27.92 21.86 32.65
CA LYS B 176 -29.05 22.60 33.17
C LYS B 176 -30.11 21.71 33.73
N MET B 177 -30.35 20.52 33.14
CA MET B 177 -31.36 19.61 33.68
C MET B 177 -30.93 18.80 34.90
N LYS B 178 -29.68 18.95 35.36
CA LYS B 178 -28.99 18.14 36.40
C LYS B 178 -29.09 16.67 36.05
N TRP B 179 -28.53 16.36 34.89
CA TRP B 179 -28.51 15.03 34.32
C TRP B 179 -27.81 14.01 35.21
N GLU B 180 -26.83 14.45 36.01
CA GLU B 180 -26.11 13.52 36.89
C GLU B 180 -27.05 12.87 37.91
N GLN B 181 -27.80 13.69 38.64
CA GLN B 181 -28.76 13.15 39.60
C GLN B 181 -29.77 12.25 38.91
N MET B 182 -30.25 12.66 37.73
CA MET B 182 -31.30 11.91 37.03
C MET B 182 -30.82 10.51 36.66
N TRP B 183 -29.70 10.42 35.96
CA TRP B 183 -29.30 9.08 35.56
C TRP B 183 -28.89 8.24 36.76
N ARG B 184 -28.32 8.87 37.81
CA ARG B 184 -27.98 8.11 39.02
C ARG B 184 -29.22 7.54 39.69
N LEU B 185 -30.27 8.35 39.84
CA LEU B 185 -31.51 7.85 40.42
C LEU B 185 -32.07 6.70 39.62
N THR B 186 -32.12 6.86 38.31
CA THR B 186 -32.67 5.82 37.45
C THR B 186 -31.88 4.53 37.61
N ALA B 187 -30.54 4.64 37.60
CA ALA B 187 -29.68 3.47 37.75
C ALA B 187 -29.90 2.77 39.07
N GLU B 188 -29.98 3.52 40.17
CA GLU B 188 -30.19 2.91 41.48
C GLU B 188 -31.53 2.19 41.51
N ARG B 189 -32.57 2.89 41.05
CA ARG B 189 -33.93 2.37 41.04
C ARG B 189 -34.03 1.06 40.27
N GLU B 190 -33.38 1.00 39.09
CA GLU B 190 -33.41 -0.22 38.30
C GLU B 190 -32.46 -1.28 38.84
N LEU B 191 -31.37 -0.88 39.47
CA LEU B 191 -30.39 -1.84 39.94
C LEU B 191 -30.93 -2.61 41.13
N MET B 192 -31.89 -2.05 41.84
CA MET B 192 -32.53 -2.80 42.92
C MET B 192 -33.22 -4.06 42.39
N GLY B 193 -33.90 -3.97 41.25
CA GLY B 193 -34.55 -5.11 40.61
C GLY B 193 -33.63 -5.94 39.72
N MET B 194 -33.17 -5.38 38.60
CA MET B 194 -32.17 -6.04 37.77
C MET B 194 -30.83 -6.01 38.51
N LEU B 195 -30.18 -7.18 38.62
CA LEU B 195 -28.97 -7.24 39.43
C LEU B 195 -27.76 -6.61 38.74
N SER B 196 -27.57 -6.84 37.44
CA SER B 196 -26.43 -6.31 36.72
C SER B 196 -26.83 -5.83 35.33
N THR B 197 -25.98 -4.99 34.75
CA THR B 197 -26.15 -4.57 33.37
C THR B 197 -25.47 -5.57 32.47
N SER B 198 -26.16 -5.97 31.40
CA SER B 198 -25.55 -6.81 30.37
C SER B 198 -24.73 -5.95 29.40
N LEU B 199 -25.31 -4.85 28.94
CA LEU B 199 -24.70 -4.03 27.91
C LEU B 199 -24.18 -2.69 28.45
N ALA B 200 -23.99 -2.59 29.77
CA ALA B 200 -23.30 -1.46 30.41
C ALA B 200 -24.06 -0.16 30.12
N ASP B 201 -23.40 0.89 29.63
CA ASP B 201 -24.04 2.20 29.49
C ASP B 201 -25.37 2.11 28.74
N GLN B 202 -25.39 1.33 27.67
CA GLN B 202 -26.60 1.18 26.86
C GLN B 202 -27.82 0.89 27.73
N ASP B 203 -27.73 -0.14 28.58
CA ASP B 203 -28.80 -0.42 29.54
C ASP B 203 -29.25 0.86 30.23
N ILE B 204 -28.32 1.51 30.94
CA ILE B 204 -28.66 2.67 31.76
C ILE B 204 -29.37 3.71 30.90
N PHE B 205 -28.81 4.02 29.73
CA PHE B 205 -29.41 5.05 28.87
C PHE B 205 -30.86 4.73 28.56
N ASN B 206 -31.12 3.51 28.07
CA ASN B 206 -32.49 3.16 27.72
C ASN B 206 -33.42 3.37 28.91
N ALA B 207 -33.01 2.94 30.11
CA ALA B 207 -33.89 3.08 31.26
C ALA B 207 -34.25 4.55 31.46
N VAL B 208 -33.25 5.43 31.41
CA VAL B 208 -33.50 6.86 31.54
C VAL B 208 -34.47 7.32 30.46
N ILE B 209 -34.21 6.96 29.21
CA ILE B 209 -35.10 7.38 28.14
C ILE B 209 -36.46 6.73 28.29
N LYS B 210 -36.53 5.50 28.80
CA LYS B 210 -37.84 4.93 29.09
C LYS B 210 -38.54 5.75 30.17
N GLN B 211 -37.81 6.12 31.21
CA GLN B 211 -38.39 6.90 32.30
C GLN B 211 -38.68 8.32 31.86
N ASN B 212 -37.94 8.82 30.86
CA ASN B 212 -37.98 10.22 30.44
C ASN B 212 -38.01 10.26 28.91
N PRO B 213 -39.11 9.80 28.29
CA PRO B 213 -39.12 9.66 26.82
C PRO B 213 -38.97 10.98 26.09
N PHE B 214 -39.04 12.10 26.80
CA PHE B 214 -38.86 13.41 26.23
C PHE B 214 -37.41 13.76 25.99
N LEU B 215 -36.46 12.97 26.50
CA LEU B 215 -35.05 13.34 26.37
C LEU B 215 -34.45 13.01 25.01
N VAL B 216 -35.03 12.06 24.30
CA VAL B 216 -34.35 11.44 23.16
C VAL B 216 -34.77 12.15 21.88
N TYR B 217 -33.83 12.29 20.95
CA TYR B 217 -34.18 12.51 19.56
C TYR B 217 -33.59 11.39 18.74
N GLN B 218 -34.48 10.63 18.12
CA GLN B 218 -34.13 9.44 17.36
C GLN B 218 -33.46 9.82 16.05
N LEU B 219 -32.21 9.41 15.91
CA LEU B 219 -31.50 9.60 14.67
C LEU B 219 -31.93 8.53 13.67
N PRO B 220 -31.88 8.84 12.38
CA PRO B 220 -32.23 7.85 11.37
C PRO B 220 -31.30 6.66 11.45
N CYS B 221 -31.80 5.53 10.93
CA CYS B 221 -31.08 4.26 11.04
C CYS B 221 -29.66 4.38 10.51
N PHE B 222 -29.46 5.30 9.58
CA PHE B 222 -28.31 5.35 8.69
C PHE B 222 -27.12 6.10 9.27
N TRP B 223 -27.27 6.71 10.44
CA TRP B 223 -26.17 7.28 11.21
C TRP B 223 -25.48 6.29 12.13
N ASN B 224 -25.89 5.03 12.11
CA ASN B 224 -25.31 4.02 12.98
C ASN B 224 -25.76 2.66 12.48
N VAL B 225 -25.15 2.20 11.40
CA VAL B 225 -25.55 0.96 10.74
C VAL B 225 -24.86 -0.17 11.50
N GLN B 226 -25.62 -0.82 12.36
CA GLN B 226 -25.12 -1.89 13.20
C GLN B 226 -25.11 -3.20 12.42
N LEU B 227 -23.93 -3.75 12.20
CA LEU B 227 -23.82 -4.96 11.38
C LEU B 227 -23.73 -6.21 12.27
N GLN B 235 -31.30 -3.52 8.00
CA GLN B 235 -30.62 -2.67 7.02
C GLN B 235 -31.47 -1.43 6.76
N CYS B 236 -31.10 -0.65 5.74
CA CYS B 236 -31.91 0.49 5.33
C CYS B 236 -32.06 0.50 3.81
N VAL B 240 -26.28 1.66 -0.24
CA VAL B 240 -24.86 1.89 0.00
C VAL B 240 -24.60 3.43 -0.05
N SER B 241 -25.42 4.24 -0.77
CA SER B 241 -25.29 5.69 -0.57
C SER B 241 -25.89 6.12 0.74
N ASP B 242 -26.90 5.43 1.21
CA ASP B 242 -27.61 6.04 2.30
C ASP B 242 -26.87 5.79 3.61
N LEU B 243 -26.09 4.71 3.63
CA LEU B 243 -25.38 4.28 4.84
C LEU B 243 -24.17 5.16 5.06
N LYS B 244 -24.06 5.72 6.26
CA LYS B 244 -23.12 6.81 6.50
C LYS B 244 -22.19 6.56 7.68
N VAL B 245 -22.64 5.83 8.68
CA VAL B 245 -21.81 5.50 9.82
C VAL B 245 -22.03 4.03 10.13
N ILE B 246 -20.95 3.26 10.20
CA ILE B 246 -21.03 1.81 10.36
C ILE B 246 -20.50 1.40 11.74
N HIS B 247 -21.16 0.43 12.34
CA HIS B 247 -20.90 -0.04 13.69
C HIS B 247 -20.63 -1.54 13.63
N TRP B 248 -19.42 -1.94 14.01
CA TRP B 248 -19.05 -3.35 13.95
C TRP B 248 -19.34 -4.08 15.27
N ASN B 249 -19.40 -5.41 15.19
CA ASN B 249 -19.62 -6.27 16.36
C ASN B 249 -18.73 -7.52 16.25
N LYS B 259 -24.33 -9.69 2.09
CA LYS B 259 -24.23 -9.20 0.72
C LYS B 259 -23.57 -7.81 0.65
N HIS B 260 -24.24 -6.83 1.24
CA HIS B 260 -23.69 -5.49 1.44
C HIS B 260 -22.56 -5.48 2.46
N VAL B 261 -22.34 -6.60 3.15
CA VAL B 261 -21.28 -6.70 4.15
C VAL B 261 -19.91 -6.64 3.49
N GLU B 262 -19.76 -7.26 2.31
CA GLU B 262 -18.45 -7.35 1.67
C GLU B 262 -17.95 -5.97 1.25
N PHE B 263 -18.86 -5.12 0.75
CA PHE B 263 -18.50 -3.74 0.42
C PHE B 263 -17.97 -3.01 1.65
N PHE B 264 -18.69 -3.10 2.77
CA PHE B 264 -18.29 -2.34 3.95
C PHE B 264 -17.02 -2.92 4.57
N ARG B 265 -16.88 -4.25 4.58
CA ARG B 265 -15.61 -4.81 5.03
C ARG B 265 -14.48 -4.31 4.16
N ASN B 266 -14.74 -4.08 2.87
CA ASN B 266 -13.72 -3.49 2.03
C ASN B 266 -13.47 -2.03 2.39
N LEU B 267 -14.51 -1.26 2.74
CA LEU B 267 -14.25 0.08 3.28
C LEU B 267 -13.34 0.02 4.50
N TYR B 268 -13.64 -0.90 5.41
CA TYR B 268 -12.85 -0.97 6.62
C TYR B 268 -11.41 -1.34 6.31
N LEU B 269 -11.21 -2.30 5.40
CA LEU B 269 -9.85 -2.66 5.00
C LEU B 269 -9.17 -1.50 4.28
N THR B 270 -9.93 -0.74 3.50
CA THR B 270 -9.38 0.42 2.79
C THR B 270 -8.86 1.45 3.77
N PHE B 271 -9.60 1.67 4.85
CA PHE B 271 -9.17 2.62 5.87
C PHE B 271 -8.07 2.08 6.78
N LEU B 272 -8.04 0.77 7.07
CA LEU B 272 -6.91 0.19 7.79
C LEU B 272 -5.61 0.46 7.07
N GLU B 273 -5.60 0.24 5.75
CA GLU B 273 -4.39 0.29 4.95
C GLU B 273 -4.14 1.66 4.35
N TYR B 274 -5.03 2.63 4.57
CA TYR B 274 -4.86 3.90 3.88
C TYR B 274 -3.76 4.69 4.54
N ASP B 275 -2.92 5.29 3.70
CA ASP B 275 -1.71 6.03 4.04
C ASP B 275 -2.05 7.23 4.90
N GLY B 276 -1.75 7.14 6.20
CA GLY B 276 -2.09 8.21 7.12
C GLY B 276 -1.47 9.53 6.72
N ASN B 277 -0.27 9.46 6.12
CA ASN B 277 0.46 10.67 5.70
C ASN B 277 -0.33 11.50 4.68
N LEU B 278 -1.13 10.83 3.84
CA LEU B 278 -1.99 11.56 2.90
C LEU B 278 -2.97 12.47 3.63
N LEU B 279 -3.32 12.12 4.86
CA LEU B 279 -4.26 12.92 5.63
C LEU B 279 -3.62 14.14 6.29
N ARG B 280 -2.31 14.37 6.12
CA ARG B 280 -1.79 15.64 6.65
C ARG B 280 -2.23 16.79 5.87
N ARG B 281 -3.10 16.59 4.90
CA ARG B 281 -3.46 17.68 4.02
C ARG B 281 -4.13 18.80 4.80
N GLU B 282 -3.77 20.04 4.44
CA GLU B 282 -4.25 21.30 4.96
C GLU B 282 -5.64 21.54 4.36
N LEU B 283 -6.44 22.42 4.96
CA LEU B 283 -7.72 22.78 4.35
C LEU B 283 -7.94 24.27 4.57
N PHE B 284 -7.95 25.05 3.49
CA PHE B 284 -8.08 26.49 3.67
C PHE B 284 -9.56 26.81 3.90
N GLY B 285 -9.91 28.10 3.84
CA GLY B 285 -11.20 28.58 4.25
C GLY B 285 -11.26 28.78 5.75
N CYS B 286 -10.47 28.01 6.47
CA CYS B 286 -10.35 27.83 7.89
C CYS B 286 -8.91 28.09 8.32
N PRO B 287 -8.70 28.81 9.42
CA PRO B 287 -7.33 28.92 9.93
C PRO B 287 -6.88 27.55 10.41
N SER B 288 -5.64 27.18 10.07
CA SER B 288 -5.11 25.94 10.58
C SER B 288 -4.27 26.22 11.82
N GLU B 289 -4.08 25.17 12.62
CA GLU B 289 -3.26 25.23 13.83
C GLU B 289 -2.10 24.26 13.70
N ALA B 290 -0.87 24.76 13.86
CA ALA B 290 0.32 23.94 13.69
C ALA B 290 0.90 23.46 15.01
N ASP B 291 0.03 23.07 15.96
CA ASP B 291 0.40 22.60 17.31
C ASP B 291 1.71 23.28 17.74
N VAL B 292 2.74 22.53 18.14
CA VAL B 292 4.02 23.19 18.36
C VAL B 292 5.13 22.54 17.53
N ASN B 293 5.03 21.23 17.32
CA ASN B 293 6.04 20.52 16.53
C ASN B 293 6.03 20.96 15.07
N SER B 294 4.84 21.20 14.51
CA SER B 294 4.76 21.68 13.13
C SER B 294 5.37 23.08 12.97
N GLU B 295 5.25 23.92 13.99
CA GLU B 295 5.85 25.25 13.95
C GLU B 295 7.35 25.15 13.72
N ASN B 296 8.00 24.28 14.50
CA ASN B 296 9.45 24.13 14.46
C ASN B 296 9.89 23.40 13.20
N LEU B 297 9.11 22.43 12.74
CA LEU B 297 9.42 21.79 11.47
C LEU B 297 9.40 22.79 10.32
N GLN B 298 8.35 23.62 10.27
CA GLN B 298 8.29 24.66 9.25
C GLN B 298 9.50 25.57 9.36
N LYS B 299 9.89 25.89 10.60
CA LYS B 299 11.09 26.68 10.87
C LYS B 299 12.32 26.06 10.23
N GLN B 300 12.62 24.81 10.62
CA GLN B 300 13.83 24.13 10.17
C GLN B 300 13.86 23.96 8.67
N LEU B 301 12.71 23.73 8.05
CA LEU B 301 12.68 23.61 6.61
C LEU B 301 12.82 24.96 5.92
N SER B 302 12.51 26.06 6.62
CA SER B 302 12.74 27.37 6.03
C SER B 302 14.22 27.76 6.11
N GLU B 303 14.86 27.49 7.25
CA GLU B 303 16.25 27.89 7.42
C GLU B 303 17.18 27.20 6.41
N LEU B 304 16.71 26.13 5.78
CA LEU B 304 17.58 25.36 4.91
C LEU B 304 17.92 26.11 3.63
N ASP B 305 18.96 25.60 2.98
CA ASP B 305 19.43 26.08 1.68
C ASP B 305 18.85 25.15 0.62
N GLU B 306 17.94 25.67 -0.21
CA GLU B 306 17.30 24.85 -1.22
C GLU B 306 18.23 24.55 -2.38
N ASP B 307 19.24 25.40 -2.61
CA ASP B 307 20.21 25.19 -3.69
C ASP B 307 21.18 24.06 -3.39
N ASP B 308 21.41 23.77 -2.12
CA ASP B 308 22.32 22.71 -1.75
C ASP B 308 21.82 21.38 -2.28
N LEU B 309 22.75 20.57 -2.78
CA LEU B 309 22.41 19.32 -3.43
C LEU B 309 22.14 18.18 -2.45
N CYS B 310 22.32 18.42 -1.14
CA CYS B 310 21.96 17.44 -0.13
C CYS B 310 20.69 17.84 0.61
N TYR B 311 19.79 18.57 -0.07
CA TYR B 311 18.63 19.13 0.61
C TYR B 311 17.78 18.03 1.20
N GLU B 312 17.65 16.91 0.49
CA GLU B 312 16.85 15.82 0.99
C GLU B 312 17.42 15.26 2.29
N PHE B 313 18.75 15.28 2.42
CA PHE B 313 19.37 14.79 3.65
C PHE B 313 19.06 15.69 4.84
N ARG B 314 19.09 17.00 4.65
CA ARG B 314 18.77 17.90 5.75
C ARG B 314 17.29 17.81 6.13
N ARG B 315 16.44 17.80 5.10
CA ARG B 315 15.00 17.70 5.32
C ARG B 315 14.65 16.38 6.02
N GLU B 316 15.28 15.28 5.64
CA GLU B 316 15.01 14.05 6.39
C GLU B 316 15.74 14.00 7.72
N ARG B 317 16.71 14.88 7.94
CA ARG B 317 17.24 15.06 9.30
C ARG B 317 16.15 15.58 10.21
N PHE B 318 15.24 16.39 9.68
CA PHE B 318 14.22 16.97 10.55
C PHE B 318 12.81 16.42 10.34
N THR B 319 12.63 15.46 9.43
CA THR B 319 11.29 14.95 9.13
C THR B 319 10.67 14.27 10.36
N VAL B 320 9.35 14.36 10.46
CA VAL B 320 8.58 13.75 11.54
C VAL B 320 7.65 12.65 11.00
N HIS B 321 7.85 11.42 11.48
CA HIS B 321 7.11 10.25 11.04
C HIS B 321 5.97 9.91 12.03
N ARG B 322 4.80 9.56 11.53
CA ARG B 322 3.79 8.96 12.40
C ARG B 322 4.40 7.79 13.16
N THR B 323 4.20 7.79 14.47
CA THR B 323 4.73 6.73 15.33
C THR B 323 3.59 6.16 16.14
N HIS B 324 3.48 4.83 16.13
CA HIS B 324 2.44 4.12 16.90
C HIS B 324 3.18 3.17 17.82
N LEU B 325 3.45 3.64 19.03
CA LEU B 325 4.10 2.80 20.01
C LEU B 325 3.17 1.66 20.45
N TYR B 326 3.76 0.52 20.79
CA TYR B 326 3.02 -0.60 21.39
C TYR B 326 1.82 -1.01 20.53
N PHE B 327 2.13 -1.33 19.27
CA PHE B 327 1.09 -1.73 18.33
C PHE B 327 0.36 -2.99 18.79
N LEU B 328 1.03 -3.87 19.54
CA LEU B 328 0.46 -5.12 20.01
C LEU B 328 0.44 -5.14 21.53
N HIS B 329 -0.40 -6.04 22.08
CA HIS B 329 -0.53 -6.19 23.52
C HIS B 329 0.83 -6.37 24.17
N TYR B 330 1.05 -5.68 25.29
CA TYR B 330 2.35 -5.72 25.93
C TYR B 330 2.22 -5.89 27.43
N GLU B 331 3.05 -6.76 28.01
CA GLU B 331 3.09 -6.97 29.45
C GLU B 331 4.52 -7.30 29.87
N TYR B 332 5.11 -6.40 30.65
CA TYR B 332 6.42 -6.66 31.25
C TYR B 332 6.28 -7.05 32.71
N GLU B 333 7.01 -8.08 33.11
CA GLU B 333 7.01 -8.58 34.47
C GLU B 333 8.18 -7.99 35.23
N PRO B 334 7.96 -7.18 36.26
CA PRO B 334 9.08 -6.59 37.01
C PRO B 334 10.11 -7.63 37.47
N ALA B 335 11.37 -7.35 37.12
CA ALA B 335 12.46 -8.26 37.42
C ALA B 335 12.94 -8.07 38.86
N ALA B 336 13.29 -9.17 39.51
CA ALA B 336 13.85 -9.11 40.85
C ALA B 336 15.09 -8.22 40.86
N ASP B 337 16.10 -8.60 40.10
CA ASP B 337 17.31 -7.81 40.01
C ASP B 337 17.06 -6.52 39.25
N SER B 338 17.93 -5.54 39.48
CA SER B 338 18.01 -4.40 38.56
C SER B 338 19.07 -4.69 37.49
N THR B 339 18.91 -5.83 36.82
CA THR B 339 19.86 -6.29 35.82
C THR B 339 19.23 -6.63 34.48
N ASP B 340 17.92 -6.50 34.35
CA ASP B 340 17.23 -6.98 33.16
C ASP B 340 17.69 -6.21 31.91
N VAL B 341 17.77 -6.92 30.78
CA VAL B 341 18.30 -6.38 29.52
C VAL B 341 17.27 -6.58 28.41
N THR B 342 17.12 -5.56 27.55
CA THR B 342 16.24 -5.63 26.39
C THR B 342 17.04 -5.70 25.08
N LEU B 343 16.69 -6.67 24.23
CA LEU B 343 17.26 -6.72 22.90
C LEU B 343 16.55 -5.68 22.05
N VAL B 344 17.31 -4.75 21.49
CA VAL B 344 16.77 -3.61 20.75
C VAL B 344 17.16 -3.76 19.27
N ALA B 345 16.19 -3.55 18.37
CA ALA B 345 16.45 -3.73 16.94
C ALA B 345 15.34 -3.05 16.14
N GLN B 346 15.59 -2.93 14.83
CA GLN B 346 14.73 -2.24 13.88
C GLN B 346 14.74 -2.98 12.56
N LEU B 347 13.64 -2.87 11.82
CA LEU B 347 13.47 -3.61 10.58
C LEU B 347 12.38 -2.97 9.73
N SER B 348 12.44 -3.25 8.43
CA SER B 348 11.35 -3.04 7.48
C SER B 348 10.73 -4.39 7.15
N MET B 349 9.69 -4.38 6.30
CA MET B 349 8.88 -5.58 6.08
C MET B 349 9.70 -6.76 5.55
N ASP B 350 10.70 -6.52 4.71
CA ASP B 350 11.45 -7.64 4.13
C ASP B 350 12.16 -8.53 5.16
N ARG B 351 12.26 -8.10 6.44
CA ARG B 351 12.91 -8.93 7.46
C ARG B 351 11.93 -9.45 8.51
N LEU B 352 10.63 -9.43 8.22
CA LEU B 352 9.66 -10.02 9.14
C LEU B 352 10.05 -11.44 9.53
N GLN B 353 10.67 -12.17 8.59
CA GLN B 353 11.07 -13.56 8.82
C GLN B 353 12.00 -13.70 10.03
N MET B 354 12.72 -12.63 10.41
CA MET B 354 13.63 -12.77 11.54
C MET B 354 12.92 -12.83 12.89
N LEU B 355 11.69 -12.31 12.99
CA LEU B 355 11.09 -12.14 14.32
C LEU B 355 11.10 -13.44 15.11
N GLU B 356 10.47 -14.48 14.54
CA GLU B 356 10.33 -15.72 15.28
C GLU B 356 11.69 -16.30 15.64
N ALA B 357 12.66 -16.19 14.72
CA ALA B 357 13.99 -16.73 15.01
C ALA B 357 14.57 -16.10 16.25
N ILE B 358 14.49 -14.77 16.33
CA ILE B 358 15.03 -14.11 17.51
C ILE B 358 14.27 -14.55 18.76
N CYS B 359 12.96 -14.74 18.63
CA CYS B 359 12.18 -15.15 19.79
C CYS B 359 12.60 -16.53 20.27
N LYS B 360 13.08 -17.37 19.36
CA LYS B 360 13.56 -18.69 19.78
C LYS B 360 14.90 -18.56 20.52
N HIS B 361 15.70 -17.53 20.20
CA HIS B 361 17.05 -17.40 20.74
C HIS B 361 17.12 -16.47 21.96
N TRP B 362 16.19 -15.53 22.09
CA TRP B 362 16.25 -14.50 23.12
C TRP B 362 14.95 -14.56 23.90
N GLU B 363 15.05 -14.94 25.17
CA GLU B 363 13.85 -15.14 25.97
C GLU B 363 13.44 -13.89 26.74
N GLY B 364 14.33 -12.92 26.91
CA GLY B 364 14.02 -11.69 27.61
C GLY B 364 13.23 -10.68 26.78
N PRO B 365 13.01 -9.49 27.33
CA PRO B 365 12.22 -8.50 26.62
C PRO B 365 12.93 -7.97 25.38
N ILE B 366 12.12 -7.55 24.41
CA ILE B 366 12.58 -7.11 23.09
C ILE B 366 11.84 -5.83 22.72
N SER B 367 12.56 -4.88 22.14
CA SER B 367 11.92 -3.67 21.62
C SER B 367 12.28 -3.50 20.15
N LEU B 368 11.27 -3.34 19.30
CA LEU B 368 11.47 -3.28 17.86
C LEU B 368 10.82 -2.04 17.31
N ALA B 369 11.54 -1.31 16.48
CA ALA B 369 10.97 -0.24 15.67
C ALA B 369 10.82 -0.77 14.26
N LEU B 370 9.58 -0.75 13.76
CA LEU B 370 9.24 -1.36 12.48
C LEU B 370 8.87 -0.20 11.56
N TYR B 371 9.62 -0.05 10.48
CA TYR B 371 9.38 1.01 9.50
C TYR B 371 8.48 0.42 8.42
N LEU B 372 7.20 0.77 8.45
CA LEU B 372 6.19 0.14 7.60
C LEU B 372 5.31 1.19 6.92
N SER B 373 4.62 0.74 5.87
CA SER B 373 3.48 1.46 5.34
C SER B 373 2.21 0.97 6.05
N ASP B 374 1.10 1.69 5.87
CA ASP B 374 -0.10 1.27 6.60
C ASP B 374 -0.54 -0.12 6.16
N ALA B 375 -0.47 -0.39 4.85
CA ALA B 375 -0.78 -1.72 4.36
C ALA B 375 0.12 -2.76 5.02
N GLU B 376 1.42 -2.47 5.06
CA GLU B 376 2.36 -3.39 5.68
C GLU B 376 2.07 -3.51 7.17
N ALA B 377 1.63 -2.43 7.82
CA ALA B 377 1.34 -2.52 9.24
C ALA B 377 0.21 -3.52 9.48
N GLN B 378 -0.81 -3.52 8.61
CA GLN B 378 -1.90 -4.46 8.84
C GLN B 378 -1.50 -5.88 8.42
N GLN B 379 -0.67 -5.99 7.38
CA GLN B 379 -0.12 -7.31 7.04
C GLN B 379 0.65 -7.89 8.22
N PHE B 380 1.45 -7.05 8.88
CA PHE B 380 2.16 -7.46 10.08
C PHE B 380 1.19 -7.81 11.18
N LEU B 381 0.12 -7.03 11.33
CA LEU B 381 -0.86 -7.37 12.34
C LEU B 381 -1.33 -8.80 12.14
N ARG B 382 -1.76 -9.14 10.93
CA ARG B 382 -2.26 -10.48 10.66
C ARG B 382 -1.19 -11.53 10.90
N TYR B 383 0.02 -11.30 10.41
CA TYR B 383 1.08 -12.28 10.60
C TYR B 383 1.30 -12.56 12.08
N ALA B 384 1.43 -11.50 12.89
CA ALA B 384 1.71 -11.66 14.30
C ALA B 384 0.59 -12.36 15.04
N GLN B 385 -0.69 -12.04 14.72
CA GLN B 385 -1.75 -12.72 15.43
C GLN B 385 -1.81 -14.16 15.03
N GLY B 386 -1.27 -14.52 13.85
CA GLY B 386 -1.28 -15.91 13.41
C GLY B 386 -0.02 -16.70 13.74
N SER B 387 0.87 -16.10 14.53
CA SER B 387 2.11 -16.72 14.98
C SER B 387 1.96 -17.20 16.42
N GLU B 388 2.26 -18.49 16.66
CA GLU B 388 2.15 -19.00 18.03
C GLU B 388 3.22 -18.38 18.92
N VAL B 389 4.47 -18.30 18.44
CA VAL B 389 5.55 -17.71 19.21
C VAL B 389 5.28 -16.24 19.51
N LEU B 390 4.80 -15.48 18.51
CA LEU B 390 4.62 -14.06 18.74
C LEU B 390 3.45 -13.79 19.69
N MET B 391 2.38 -14.58 19.59
CA MET B 391 1.24 -14.35 20.49
C MET B 391 1.52 -14.86 21.90
N SER B 392 2.42 -15.84 22.05
CA SER B 392 2.82 -16.28 23.39
C SER B 392 3.79 -15.31 24.07
N ARG B 393 4.50 -14.46 23.33
CA ARG B 393 5.41 -13.49 23.92
C ARG B 393 4.64 -12.19 24.14
N HIS B 394 4.60 -11.74 25.40
CA HIS B 394 3.98 -10.47 25.74
C HIS B 394 5.00 -9.41 26.11
N ASN B 395 6.30 -9.75 26.11
CA ASN B 395 7.35 -8.84 26.52
C ASN B 395 8.11 -8.26 25.34
N VAL B 396 7.50 -8.20 24.17
CA VAL B 396 8.11 -7.60 23.00
C VAL B 396 7.23 -6.43 22.59
N GLY B 397 7.80 -5.22 22.60
CA GLY B 397 7.07 -4.03 22.20
C GLY B 397 7.31 -3.72 20.72
N TYR B 398 6.26 -3.66 19.91
CA TYR B 398 6.45 -3.41 18.50
C TYR B 398 5.99 -1.99 18.19
N HIS B 399 6.94 -1.15 17.77
CA HIS B 399 6.68 0.27 17.51
C HIS B 399 6.72 0.55 16.02
N ILE B 400 5.66 1.17 15.52
CA ILE B 400 5.47 1.38 14.09
C ILE B 400 5.87 2.82 13.78
N VAL B 401 6.89 2.97 12.95
CA VAL B 401 7.27 4.24 12.35
C VAL B 401 6.86 4.19 10.89
N TYR B 402 5.92 5.05 10.51
CA TYR B 402 5.37 4.98 9.17
C TYR B 402 6.31 5.60 8.14
N LYS B 403 6.38 4.95 6.97
CA LYS B 403 7.30 5.38 5.93
C LYS B 403 6.95 6.78 5.45
N GLU B 404 7.99 7.51 5.07
CA GLU B 404 7.88 8.88 4.60
C GLU B 404 9.24 9.23 4.02
N GLY B 405 9.23 9.96 2.92
CA GLY B 405 10.48 10.42 2.37
C GLY B 405 11.20 9.33 1.60
N GLN B 406 12.49 9.56 1.39
CA GLN B 406 13.25 8.80 0.42
C GLN B 406 14.28 7.84 1.03
N PHE B 407 14.77 8.10 2.25
CA PHE B 407 15.82 7.26 2.82
C PHE B 407 15.30 6.55 4.07
N TYR B 408 15.88 5.39 4.36
CA TYR B 408 15.57 4.56 5.52
C TYR B 408 16.11 5.24 6.79
N PRO B 409 15.26 5.77 7.69
CA PRO B 409 15.75 6.62 8.80
C PRO B 409 16.31 5.79 9.95
N VAL B 410 17.39 5.06 9.65
CA VAL B 410 17.92 4.05 10.56
C VAL B 410 18.13 4.59 11.96
N ASN B 411 18.59 5.84 12.10
CA ASN B 411 18.80 6.35 13.45
C ASN B 411 17.52 6.80 14.12
N LEU B 412 16.57 7.34 13.37
CA LEU B 412 15.24 7.58 13.94
C LEU B 412 14.66 6.28 14.52
N LEU B 413 14.72 5.20 13.75
CA LEU B 413 14.19 3.92 14.18
C LEU B 413 14.90 3.44 15.44
N ARG B 414 16.24 3.44 15.42
CA ARG B 414 16.98 3.01 16.60
C ARG B 414 16.57 3.81 17.82
N ASN B 415 16.43 5.14 17.67
CA ASN B 415 16.10 5.97 18.82
C ASN B 415 14.73 5.64 19.34
N VAL B 416 13.77 5.43 18.43
CA VAL B 416 12.42 5.09 18.88
C VAL B 416 12.44 3.77 19.65
N ALA B 417 13.17 2.79 19.14
CA ALA B 417 13.18 1.50 19.83
C ALA B 417 13.84 1.63 21.19
N MET B 418 14.98 2.31 21.27
CA MET B 418 15.74 2.34 22.51
C MET B 418 15.10 3.24 23.56
N LYS B 419 14.29 4.22 23.18
CA LYS B 419 13.68 5.08 24.20
C LYS B 419 12.63 4.33 25.00
N HIS B 420 11.92 3.42 24.34
CA HIS B 420 10.77 2.75 24.91
C HIS B 420 11.15 1.31 25.28
N ILE B 421 11.92 1.19 26.37
CA ILE B 421 12.23 -0.11 26.95
C ILE B 421 11.82 -0.08 28.41
N SER B 422 11.77 -1.26 29.01
CA SER B 422 11.28 -1.43 30.37
C SER B 422 12.38 -1.85 31.34
N THR B 423 13.64 -1.76 30.95
CA THR B 423 14.73 -2.38 31.69
C THR B 423 15.86 -1.38 31.91
N PRO B 424 16.73 -1.64 32.90
CA PRO B 424 17.88 -0.76 33.09
C PRO B 424 18.93 -0.85 31.99
N TYR B 425 19.11 -2.01 31.36
CA TYR B 425 20.16 -2.16 30.35
C TYR B 425 19.57 -2.66 29.04
N MET B 426 20.24 -2.35 27.95
CA MET B 426 19.77 -2.74 26.63
C MET B 426 20.92 -3.26 25.78
N PHE B 427 20.61 -4.26 24.96
CA PHE B 427 21.56 -4.85 24.02
C PHE B 427 21.19 -4.39 22.62
N LEU B 428 22.04 -3.54 22.05
CA LEU B 428 21.78 -2.87 20.78
C LEU B 428 22.22 -3.78 19.65
N SER B 429 21.25 -4.36 18.93
CA SER B 429 21.51 -5.40 17.95
C SER B 429 20.85 -5.03 16.62
N ASP B 430 21.02 -5.93 15.65
CA ASP B 430 20.30 -5.90 14.39
C ASP B 430 19.27 -7.02 14.34
N ILE B 431 18.21 -6.77 13.56
CA ILE B 431 17.19 -7.78 13.34
C ILE B 431 17.79 -8.99 12.65
N ASP B 432 18.93 -8.82 12.00
CA ASP B 432 19.55 -9.88 11.23
C ASP B 432 20.51 -10.75 12.03
N PHE B 433 20.73 -10.50 13.32
CA PHE B 433 21.54 -11.44 14.06
C PHE B 433 20.67 -12.35 14.91
N LEU B 434 21.05 -13.62 14.98
CA LEU B 434 20.52 -14.50 15.99
C LEU B 434 21.52 -14.56 17.13
N PRO B 435 21.09 -14.22 18.34
CA PRO B 435 21.97 -14.31 19.49
C PRO B 435 22.25 -15.76 19.89
N MET B 436 23.36 -15.92 20.60
CA MET B 436 23.70 -17.19 21.23
C MET B 436 22.53 -17.70 22.04
N TYR B 437 22.32 -19.02 22.02
CA TYR B 437 21.30 -19.54 22.93
C TYR B 437 21.73 -19.25 24.37
N GLY B 438 20.82 -18.68 25.14
CA GLY B 438 21.14 -18.29 26.51
C GLY B 438 21.92 -17.01 26.64
N LEU B 439 21.99 -16.20 25.59
CA LEU B 439 22.71 -14.93 25.69
C LEU B 439 22.08 -14.00 26.73
N TYR B 440 20.76 -14.01 26.87
CA TYR B 440 20.08 -13.07 27.75
C TYR B 440 20.50 -13.25 29.21
N GLU B 441 20.34 -14.46 29.74
CA GLU B 441 20.74 -14.71 31.12
C GLU B 441 22.22 -14.44 31.31
N TYR B 442 23.03 -14.77 30.30
CA TYR B 442 24.47 -14.54 30.38
C TYR B 442 24.77 -13.05 30.50
N LEU B 443 24.05 -12.21 29.76
CA LEU B 443 24.26 -10.78 29.85
C LEU B 443 23.86 -10.28 31.23
N ARG B 444 22.79 -10.82 31.80
CA ARG B 444 22.43 -10.41 33.16
C ARG B 444 23.55 -10.77 34.15
N LYS B 445 24.04 -12.01 34.08
CA LYS B 445 25.19 -12.38 34.90
C LYS B 445 26.36 -11.45 34.66
N SER B 446 26.54 -11.00 33.41
CA SER B 446 27.67 -10.13 33.09
C SER B 446 27.50 -8.74 33.67
N VAL B 447 26.28 -8.19 33.62
CA VAL B 447 26.06 -6.87 34.21
C VAL B 447 26.39 -6.93 35.69
N ILE B 448 26.06 -8.05 36.34
CA ILE B 448 26.49 -8.25 37.72
C ILE B 448 28.01 -8.34 37.80
N GLN B 449 28.62 -9.14 36.92
CA GLN B 449 30.02 -9.50 37.05
C GLN B 449 30.94 -8.33 36.78
N LEU B 450 30.62 -7.50 35.78
CA LEU B 450 31.43 -6.36 35.41
C LEU B 450 31.01 -5.08 36.11
N ASP B 451 30.12 -5.18 37.11
CA ASP B 451 29.70 -4.05 37.95
C ASP B 451 29.17 -2.90 37.11
N LEU B 452 28.28 -3.23 36.16
CA LEU B 452 27.66 -2.23 35.29
C LEU B 452 26.76 -1.25 36.04
N ALA B 453 26.40 -1.54 37.28
CA ALA B 453 25.55 -0.65 38.03
C ALA B 453 26.30 0.54 38.58
N ASN B 454 27.62 0.42 38.72
CA ASN B 454 28.43 1.41 39.40
C ASN B 454 29.46 2.07 38.50
N THR B 455 29.56 1.68 37.24
CA THR B 455 30.61 2.14 36.35
C THR B 455 30.07 2.22 34.93
N LYS B 456 30.64 3.13 34.14
CA LYS B 456 30.17 3.40 32.78
C LYS B 456 30.89 2.48 31.79
N LYS B 457 30.21 1.42 31.34
CA LYS B 457 30.82 0.40 30.49
C LYS B 457 29.87 0.00 29.37
N ALA B 458 30.46 -0.47 28.27
CA ALA B 458 29.73 -0.97 27.11
C ALA B 458 30.22 -2.39 26.83
N MET B 459 29.36 -3.38 27.08
CA MET B 459 29.76 -4.78 26.91
C MET B 459 29.61 -5.20 25.46
N ILE B 460 30.65 -5.75 24.87
CA ILE B 460 30.67 -6.09 23.45
C ILE B 460 30.28 -7.55 23.26
N VAL B 461 29.41 -7.80 22.29
CA VAL B 461 29.06 -9.17 21.91
C VAL B 461 29.73 -9.44 20.57
N PRO B 462 30.75 -10.31 20.50
CA PRO B 462 31.46 -10.52 19.24
C PRO B 462 30.51 -11.00 18.16
N ALA B 463 30.66 -10.43 16.96
CA ALA B 463 29.71 -10.64 15.87
C ALA B 463 30.34 -11.52 14.80
N PHE B 464 29.68 -12.62 14.45
CA PHE B 464 30.14 -13.45 13.35
C PHE B 464 29.04 -13.53 12.29
N GLU B 465 29.30 -14.26 11.21
CA GLU B 465 28.40 -14.28 10.07
C GLU B 465 28.42 -15.65 9.41
N THR B 466 27.32 -15.97 8.74
CA THR B 466 27.20 -17.16 7.92
C THR B 466 26.73 -16.73 6.53
N LEU B 467 27.09 -17.52 5.50
CA LEU B 467 26.81 -17.13 4.13
C LEU B 467 25.54 -17.76 3.54
N ARG B 468 24.92 -18.68 4.25
CA ARG B 468 23.66 -19.29 3.83
C ARG B 468 22.97 -19.78 5.08
N TYR B 469 21.64 -19.90 5.02
CA TYR B 469 20.95 -20.35 6.21
C TYR B 469 21.33 -21.79 6.52
N ARG B 470 21.53 -22.06 7.80
CA ARG B 470 21.96 -23.36 8.28
C ARG B 470 20.87 -23.96 9.14
N LEU B 471 21.06 -25.23 9.48
CA LEU B 471 20.07 -25.97 10.23
C LEU B 471 20.49 -26.27 11.67
N SER B 472 21.79 -26.47 11.92
CA SER B 472 22.32 -26.58 13.27
C SER B 472 23.02 -25.30 13.69
N PHE B 473 22.42 -24.57 14.66
CA PHE B 473 23.03 -23.37 15.24
C PHE B 473 24.05 -23.79 16.30
N PRO B 474 25.23 -23.16 16.34
CA PRO B 474 26.25 -23.57 17.33
C PRO B 474 25.72 -23.46 18.76
N LYS B 475 25.90 -24.56 19.49
CA LYS B 475 25.43 -24.66 20.87
C LYS B 475 26.55 -24.42 21.86
N SER B 476 27.71 -23.96 21.39
CA SER B 476 28.82 -23.67 22.28
C SER B 476 29.84 -22.83 21.54
N LYS B 477 30.69 -22.16 22.33
CA LYS B 477 31.84 -21.47 21.75
C LYS B 477 32.79 -22.46 21.08
N ALA B 478 32.83 -23.70 21.56
CA ALA B 478 33.67 -24.72 20.93
C ALA B 478 33.16 -25.08 19.55
N GLU B 479 31.84 -25.25 19.40
CA GLU B 479 31.27 -25.46 18.07
C GLU B 479 31.50 -24.24 17.18
N LEU B 480 31.31 -23.05 17.74
CA LEU B 480 31.60 -21.83 17.01
C LEU B 480 33.03 -21.86 16.47
N LEU B 481 33.99 -22.22 17.32
CA LEU B 481 35.39 -22.20 16.90
C LEU B 481 35.69 -23.26 15.85
N SER B 482 35.11 -24.45 16.00
CA SER B 482 35.28 -25.49 14.98
C SER B 482 34.73 -25.02 13.64
N MET B 483 33.51 -24.47 13.65
CA MET B 483 32.91 -24.01 12.39
C MET B 483 33.74 -22.92 11.77
N LEU B 484 34.25 -22.02 12.60
CA LEU B 484 35.08 -20.93 12.10
C LEU B 484 36.35 -21.45 11.47
N ASP B 485 36.92 -22.51 12.03
CA ASP B 485 38.12 -23.11 11.45
C ASP B 485 37.82 -23.90 10.17
N MET B 486 36.55 -24.16 9.86
CA MET B 486 36.22 -24.83 8.62
C MET B 486 35.75 -23.89 7.52
N GLY B 487 35.69 -22.58 7.78
CA GLY B 487 35.22 -21.69 6.74
C GLY B 487 33.73 -21.70 6.52
N THR B 488 32.95 -22.26 7.46
CA THR B 488 31.51 -22.23 7.36
C THR B 488 30.91 -21.04 8.11
N LEU B 489 31.58 -20.59 9.17
CA LEU B 489 31.32 -19.31 9.81
C LEU B 489 32.51 -18.37 9.59
N PHE B 490 32.23 -17.07 9.57
CA PHE B 490 33.31 -16.10 9.47
C PHE B 490 33.01 -14.93 10.41
N THR B 491 34.04 -14.11 10.62
CA THR B 491 33.91 -12.84 11.33
C THR B 491 32.95 -11.92 10.58
N PHE B 492 32.23 -11.09 11.32
CA PHE B 492 31.24 -10.25 10.68
C PHE B 492 31.91 -9.23 9.76
N ARG B 493 31.37 -9.12 8.56
CA ARG B 493 31.88 -8.29 7.46
C ARG B 493 33.33 -8.60 7.13
N TYR B 494 33.81 -9.81 7.44
CA TYR B 494 35.23 -10.10 7.34
C TYR B 494 35.77 -9.82 5.94
N HIS B 495 34.97 -10.04 4.89
CA HIS B 495 35.48 -9.87 3.54
C HIS B 495 35.38 -8.44 3.01
N VAL B 496 34.72 -7.53 3.71
CA VAL B 496 34.54 -6.18 3.17
C VAL B 496 35.22 -5.15 4.07
N TRP B 497 34.71 -4.96 5.28
CA TRP B 497 35.37 -4.17 6.34
C TRP B 497 35.82 -5.09 7.48
N THR B 498 37.06 -5.60 7.38
CA THR B 498 37.66 -6.29 8.52
C THR B 498 37.88 -5.33 9.68
N LYS B 499 38.26 -4.09 9.40
CA LYS B 499 38.16 -3.06 10.43
C LYS B 499 36.69 -2.87 10.82
N GLY B 500 36.48 -2.30 11.99
CA GLY B 500 35.12 -2.16 12.46
C GLY B 500 34.78 -3.23 13.46
N HIS B 501 35.26 -4.44 13.22
CA HIS B 501 35.22 -5.49 14.22
C HIS B 501 36.57 -6.08 14.56
N ALA B 502 37.63 -5.76 13.81
CA ALA B 502 38.97 -6.20 14.16
C ALA B 502 39.40 -5.77 15.56
N PRO B 503 39.19 -4.50 16.01
CA PRO B 503 39.51 -4.14 17.41
C PRO B 503 38.92 -5.06 18.47
N THR B 504 37.86 -5.81 18.15
CA THR B 504 37.35 -6.82 19.08
C THR B 504 38.45 -7.79 19.48
N ASN B 505 39.41 -8.01 18.58
CA ASN B 505 40.46 -9.02 18.71
C ASN B 505 39.84 -10.40 18.87
N PHE B 506 39.46 -11.00 17.74
CA PHE B 506 38.91 -12.35 17.76
C PHE B 506 39.98 -13.40 18.08
N ALA B 507 41.24 -13.09 17.82
CA ALA B 507 42.32 -14.02 18.13
C ALA B 507 42.39 -14.31 19.62
N LYS B 508 42.31 -13.27 20.44
CA LYS B 508 42.38 -13.51 21.88
C LYS B 508 41.02 -13.81 22.48
N TRP B 509 39.93 -13.28 21.92
CA TRP B 509 38.61 -13.77 22.30
C TRP B 509 38.54 -15.29 22.21
N ARG B 510 39.20 -15.86 21.21
CA ARG B 510 39.15 -17.31 20.98
C ARG B 510 39.41 -18.10 22.27
N THR B 511 40.50 -17.76 22.96
CA THR B 511 40.91 -18.49 24.16
C THR B 511 40.57 -17.77 25.48
N ALA B 512 40.08 -16.53 25.42
CA ALA B 512 39.82 -15.77 26.64
C ALA B 512 38.79 -16.48 27.51
N THR B 513 38.93 -16.33 28.84
CA THR B 513 37.92 -16.79 29.79
C THR B 513 37.43 -15.66 30.69
N THR B 514 38.09 -14.51 30.67
CA THR B 514 37.83 -13.31 31.43
C THR B 514 37.42 -12.19 30.48
N PRO B 515 36.43 -11.38 30.84
CA PRO B 515 36.16 -10.17 30.05
C PRO B 515 37.42 -9.31 29.98
N TYR B 516 37.61 -8.66 28.83
CA TYR B 516 38.85 -7.94 28.57
C TYR B 516 38.53 -6.61 27.91
N ARG B 517 39.36 -5.61 28.17
CA ARG B 517 39.11 -4.27 27.68
C ARG B 517 39.80 -4.02 26.34
N VAL B 518 39.07 -3.35 25.45
CA VAL B 518 39.55 -2.92 24.15
C VAL B 518 39.41 -1.41 24.06
N GLU B 519 40.32 -0.77 23.32
CA GLU B 519 40.24 0.67 23.12
C GLU B 519 39.63 0.98 21.74
N TRP B 520 39.16 2.21 21.60
CA TRP B 520 38.51 2.65 20.38
C TRP B 520 39.51 2.81 19.23
N GLU B 521 39.08 2.42 18.03
CA GLU B 521 39.84 2.64 16.81
C GLU B 521 38.91 3.21 15.75
N ALA B 522 39.49 3.75 14.68
CA ALA B 522 38.69 4.37 13.63
C ALA B 522 37.69 3.41 13.02
N ASP B 523 36.46 3.89 12.82
CA ASP B 523 35.37 3.16 12.17
C ASP B 523 34.99 1.89 12.92
N PHE B 524 35.35 1.81 14.20
CA PHE B 524 34.99 0.66 15.03
C PHE B 524 33.49 0.66 15.28
N GLU B 525 32.88 -0.52 15.17
CA GLU B 525 31.43 -0.57 15.12
C GLU B 525 30.88 -1.82 15.81
N PRO B 526 31.20 -2.05 17.09
CA PRO B 526 30.76 -3.27 17.75
C PRO B 526 29.29 -3.18 18.15
N TYR B 527 28.72 -4.34 18.54
CA TYR B 527 27.37 -4.44 19.09
C TYR B 527 27.45 -4.50 20.62
N VAL B 528 26.84 -3.52 21.28
CA VAL B 528 27.10 -3.31 22.70
C VAL B 528 25.84 -3.50 23.51
N VAL B 529 26.04 -3.82 24.78
CA VAL B 529 25.03 -3.79 25.82
C VAL B 529 25.43 -2.66 26.76
N VAL B 530 24.53 -1.69 26.95
CA VAL B 530 24.81 -0.50 27.74
C VAL B 530 23.59 -0.18 28.59
N ARG B 531 23.81 0.71 29.55
CA ARG B 531 22.70 1.25 30.34
C ARG B 531 21.78 2.11 29.48
N ARG B 532 20.51 2.16 29.89
CA ARG B 532 19.48 2.70 29.02
C ARG B 532 19.59 4.19 28.76
N ASP B 533 20.28 4.97 29.61
CA ASP B 533 20.31 6.41 29.45
C ASP B 533 21.58 6.88 28.74
N CYS B 534 22.15 6.02 27.90
CA CYS B 534 23.34 6.33 27.12
C CYS B 534 23.00 7.33 26.01
N PRO B 535 24.00 7.89 25.33
CA PRO B 535 23.70 8.83 24.25
C PRO B 535 22.91 8.17 23.14
N GLU B 536 22.01 8.93 22.54
CA GLU B 536 21.17 8.42 21.47
C GLU B 536 21.91 8.56 20.13
N TYR B 537 21.27 8.10 19.06
CA TYR B 537 21.83 8.22 17.72
C TYR B 537 21.52 9.57 17.11
N ASP B 538 22.45 10.07 16.30
CA ASP B 538 22.35 11.40 15.72
C ASP B 538 21.53 11.29 14.44
N ARG B 539 20.41 12.02 14.37
CA ARG B 539 19.51 11.83 13.23
C ARG B 539 19.98 12.44 11.93
N ARG B 540 21.09 13.20 11.92
CA ARG B 540 21.49 13.82 10.65
C ARG B 540 21.84 12.82 9.57
N PHE B 541 22.30 11.64 9.96
CA PHE B 541 22.78 10.56 9.06
C PHE B 541 21.58 9.72 8.65
N VAL B 542 20.81 10.26 7.71
CA VAL B 542 19.75 9.44 7.11
C VAL B 542 20.35 8.52 6.03
N GLY B 543 19.62 7.49 5.70
CA GLY B 543 20.13 6.52 4.75
C GLY B 543 21.31 5.76 5.32
N PHE B 544 21.88 4.88 4.50
CA PHE B 544 22.98 4.05 4.97
C PHE B 544 24.26 4.85 5.01
N GLY B 545 24.95 4.82 6.14
CA GLY B 545 26.19 5.58 6.27
C GLY B 545 27.00 5.22 7.50
N TRP B 546 27.64 6.21 8.10
CA TRP B 546 28.52 6.01 9.24
C TRP B 546 27.82 6.26 10.57
N ASN B 547 26.55 5.89 10.71
CA ASN B 547 25.81 6.22 11.91
C ASN B 547 26.28 5.51 13.16
N LYS B 548 26.42 4.18 13.09
CA LYS B 548 26.79 3.47 14.30
C LYS B 548 28.21 3.85 14.70
N VAL B 549 29.07 4.14 13.72
CA VAL B 549 30.42 4.64 13.99
C VAL B 549 30.36 5.93 14.80
N ALA B 550 29.49 6.87 14.40
CA ALA B 550 29.34 8.11 15.13
C ALA B 550 28.82 7.87 16.54
N HIS B 551 27.90 6.94 16.69
CA HIS B 551 27.40 6.60 18.01
C HIS B 551 28.52 6.04 18.90
N ILE B 552 29.33 5.13 18.36
CA ILE B 552 30.41 4.56 19.14
C ILE B 552 31.41 5.64 19.54
N MET B 553 31.64 6.61 18.65
CA MET B 553 32.47 7.75 19.04
C MET B 553 31.84 8.54 20.18
N GLU B 554 30.52 8.74 20.12
CA GLU B 554 29.82 9.39 21.22
C GLU B 554 30.00 8.63 22.53
N LEU B 555 29.99 7.30 22.45
CA LEU B 555 30.25 6.51 23.65
C LEU B 555 31.69 6.70 24.13
N ASP B 556 32.64 6.80 23.21
CA ASP B 556 34.04 6.80 23.61
C ASP B 556 34.44 8.15 24.21
N VAL B 557 33.87 9.26 23.73
CA VAL B 557 34.17 10.55 24.36
C VAL B 557 33.66 10.58 25.79
N GLN B 558 32.49 10.01 26.04
CA GLN B 558 31.96 10.00 27.39
C GLN B 558 32.59 8.92 28.25
N GLU B 559 33.70 8.35 27.78
CA GLU B 559 34.54 7.46 28.57
C GLU B 559 33.80 6.19 28.93
N TYR B 560 32.91 5.75 28.05
CA TYR B 560 32.38 4.40 28.18
C TYR B 560 33.52 3.42 27.93
N GLU B 561 33.61 2.42 28.78
CA GLU B 561 34.66 1.42 28.70
C GLU B 561 34.16 0.26 27.85
N PHE B 562 34.95 -0.16 26.86
CA PHE B 562 34.57 -1.25 25.96
C PHE B 562 35.15 -2.56 26.45
N ILE B 563 34.26 -3.46 26.91
CA ILE B 563 34.66 -4.76 27.45
C ILE B 563 34.09 -5.85 26.55
N VAL B 564 34.96 -6.72 26.05
CA VAL B 564 34.53 -7.89 25.28
C VAL B 564 34.28 -9.04 26.23
N LEU B 565 33.12 -9.73 26.05
CA LEU B 565 32.62 -10.86 26.85
C LEU B 565 33.17 -12.18 26.32
N PRO B 566 33.77 -13.01 27.18
CA PRO B 566 34.49 -14.20 26.66
C PRO B 566 33.59 -15.33 26.16
N ASN B 567 32.30 -15.33 26.46
CA ASN B 567 31.44 -16.48 26.16
C ASN B 567 30.15 -16.07 25.45
N ALA B 568 30.09 -14.87 24.90
CA ALA B 568 28.93 -14.35 24.22
C ALA B 568 29.22 -14.27 22.73
N TYR B 569 28.17 -14.39 21.91
CA TYR B 569 28.40 -14.35 20.47
C TYR B 569 27.04 -14.28 19.78
N MET B 570 27.05 -13.80 18.54
CA MET B 570 25.83 -13.61 17.77
C MET B 570 26.19 -13.78 16.32
N ILE B 571 25.25 -14.26 15.52
CA ILE B 571 25.55 -14.70 14.16
C ILE B 571 24.60 -14.01 13.21
N HIS B 572 25.15 -13.40 12.16
CA HIS B 572 24.42 -12.64 11.16
C HIS B 572 23.85 -13.57 10.09
N MET B 573 22.53 -13.47 9.85
CA MET B 573 21.92 -14.28 8.81
C MET B 573 21.98 -13.57 7.46
N PRO B 574 22.23 -14.34 6.40
CA PRO B 574 22.35 -13.74 5.06
C PRO B 574 21.03 -13.17 4.57
N HIS B 575 21.14 -12.08 3.81
CA HIS B 575 19.94 -11.44 3.28
C HIS B 575 20.27 -10.75 1.97
N ALA B 576 19.23 -10.57 1.15
CA ALA B 576 19.34 -9.76 -0.05
C ALA B 576 19.57 -8.30 0.33
N PRO B 577 20.25 -7.52 -0.53
CA PRO B 577 20.40 -6.10 -0.27
C PRO B 577 19.05 -5.39 -0.27
N SER B 578 18.99 -4.24 0.39
CA SER B 578 17.77 -3.44 0.47
C SER B 578 17.93 -2.24 -0.45
N PHE B 579 16.87 -1.92 -1.21
CA PHE B 579 16.86 -0.88 -2.26
C PHE B 579 18.24 -0.28 -2.62
N SER B 586 23.40 3.63 -5.17
CA SER B 586 24.72 4.20 -4.79
C SER B 586 25.12 5.31 -5.75
N ASN B 587 24.34 6.40 -5.78
CA ASN B 587 24.68 7.55 -6.63
C ASN B 587 25.95 8.21 -6.06
N LYS B 588 26.76 8.81 -6.93
CA LYS B 588 28.01 9.49 -6.49
C LYS B 588 27.69 10.66 -5.55
N GLN B 589 26.64 11.43 -5.84
CA GLN B 589 26.28 12.58 -4.97
C GLN B 589 25.94 12.03 -3.60
N TYR B 590 25.29 10.88 -3.56
CA TYR B 590 24.90 10.25 -2.27
C TYR B 590 26.19 9.96 -1.52
N ARG B 591 27.21 9.46 -2.21
CA ARG B 591 28.50 9.26 -1.51
C ARG B 591 29.02 10.62 -1.06
N ILE B 592 28.93 11.63 -1.91
CA ILE B 592 29.51 12.95 -1.53
C ILE B 592 28.75 13.47 -0.33
N CYS B 593 27.43 13.36 -0.36
CA CYS B 593 26.61 13.96 0.71
C CYS B 593 26.90 13.27 2.04
N LEU B 594 27.02 11.95 2.03
CA LEU B 594 27.38 11.22 3.27
C LEU B 594 28.69 11.81 3.75
N LYS B 595 29.62 12.02 2.83
CA LYS B 595 30.91 12.50 3.30
C LYS B 595 30.78 13.87 3.97
N THR B 596 29.91 14.73 3.43
CA THR B 596 29.68 16.04 4.03
C THR B 596 28.99 15.89 5.39
N LEU B 597 28.08 14.93 5.51
CA LEU B 597 27.44 14.66 6.81
C LEU B 597 28.46 14.19 7.84
N LYS B 598 29.38 13.31 7.44
CA LYS B 598 30.50 12.91 8.30
C LYS B 598 31.34 14.12 8.74
N GLU B 599 31.69 14.99 7.78
CA GLU B 599 32.47 16.19 8.12
C GLU B 599 31.74 17.07 9.13
N GLU B 600 30.49 17.39 8.84
CA GLU B 600 29.68 18.23 9.71
C GLU B 600 29.47 17.59 11.08
N PHE B 601 29.43 16.25 11.13
CA PHE B 601 29.39 15.60 12.44
C PHE B 601 30.66 15.86 13.23
N GLN B 602 31.82 15.64 12.61
CA GLN B 602 33.09 15.93 13.29
C GLN B 602 33.17 17.39 13.71
N GLN B 603 32.61 18.31 12.94
CA GLN B 603 32.69 19.72 13.31
C GLN B 603 31.75 20.06 14.46
N ASP B 604 30.51 19.55 14.43
CA ASP B 604 29.63 19.70 15.59
C ASP B 604 30.19 19.03 16.83
N MET B 605 30.96 17.96 16.65
CA MET B 605 31.60 17.31 17.79
C MET B 605 32.77 18.14 18.33
N SER B 606 33.58 18.72 17.43
CA SER B 606 34.65 19.61 17.89
C SER B 606 34.09 20.76 18.70
N ARG B 607 32.98 21.35 18.22
CA ARG B 607 32.37 22.44 18.95
C ARG B 607 31.70 21.92 20.21
N ARG B 608 31.11 20.72 20.13
CA ARG B 608 30.26 20.21 21.20
C ARG B 608 31.07 19.83 22.43
N TYR B 609 32.19 19.15 22.23
CA TYR B 609 32.99 18.61 23.33
C TYR B 609 34.26 19.42 23.56
N GLY B 610 35.12 19.54 22.55
CA GLY B 610 36.35 20.27 22.71
C GLY B 610 37.59 19.50 22.30
N PHE B 611 38.67 19.65 23.08
CA PHE B 611 39.94 19.00 22.79
C PHE B 611 39.78 17.48 22.64
N ALA B 612 38.81 16.90 23.36
CA ALA B 612 38.55 15.47 23.26
C ALA B 612 38.20 15.02 21.84
N ALA B 613 37.63 15.90 21.03
CA ALA B 613 37.29 15.50 19.66
C ALA B 613 38.52 15.28 18.81
N LEU B 614 39.65 15.91 19.17
CA LEU B 614 40.79 15.91 18.26
C LEU B 614 41.31 14.50 18.02
N LYS B 615 41.33 13.67 19.07
CA LYS B 615 41.90 12.34 18.85
C LYS B 615 41.09 11.51 17.88
N TYR B 616 39.87 11.94 17.55
CA TYR B 616 39.07 11.22 16.56
C TYR B 616 39.21 11.77 15.15
N LEU B 617 39.64 13.03 14.99
CA LEU B 617 39.72 13.52 13.62
C LEU B 617 40.96 12.98 12.92
N THR B 618 42.08 12.86 13.65
CA THR B 618 43.31 12.34 13.07
C THR B 618 43.15 10.91 12.54
N ALA B 619 42.10 10.20 12.95
CA ALA B 619 41.79 8.87 12.42
C ALA B 619 41.48 8.92 10.93
#